data_2LL1
#
_entry.id   2LL1
#
_entity_poly.entity_id   1
_entity_poly.type   'polypeptide(L)'
_entity_poly.pdbx_seq_one_letter_code
;DCGHLHDPCPNDRPGHRTCCIGLQCRYGKCLVR
;
_entity_poly.pdbx_strand_id   A
#
# COMPACT_ATOMS: atom_id res chain seq x y z
N ASP A 1 -10.99 -0.25 4.20
CA ASP A 1 -10.19 0.96 4.15
C ASP A 1 -8.85 0.70 3.45
N CYS A 2 -8.64 1.37 2.32
CA CYS A 2 -7.40 1.21 1.55
C CYS A 2 -6.93 2.55 1.00
N GLY A 3 -5.68 2.58 0.55
CA GLY A 3 -5.12 3.81 0.01
C GLY A 3 -5.13 3.82 -1.51
N HIS A 4 -4.41 4.78 -2.08
CA HIS A 4 -4.34 4.91 -3.54
C HIS A 4 -3.18 4.08 -4.09
N LEU A 5 -2.98 4.17 -5.41
CA LEU A 5 -1.91 3.44 -6.06
C LEU A 5 -0.54 4.03 -5.72
N HIS A 6 -0.43 5.34 -5.87
CA HIS A 6 0.83 6.04 -5.58
C HIS A 6 0.77 6.70 -4.21
N ASP A 7 -0.10 6.18 -3.34
CA ASP A 7 -0.25 6.72 -1.99
C ASP A 7 0.77 6.09 -1.04
N PRO A 8 1.09 6.82 0.04
CA PRO A 8 2.05 6.35 1.04
C PRO A 8 1.51 5.19 1.86
N CYS A 9 2.42 4.44 2.49
CA CYS A 9 2.04 3.30 3.30
C CYS A 9 2.99 3.14 4.48
N PRO A 10 2.98 4.12 5.41
CA PRO A 10 3.82 4.10 6.60
C PRO A 10 3.41 3.02 7.60
N ASN A 11 2.11 2.75 7.66
CA ASN A 11 1.58 1.74 8.57
C ASN A 11 1.43 0.40 7.87
N ASP A 12 2.30 0.14 6.90
CA ASP A 12 2.25 -1.11 6.15
C ASP A 12 2.65 -2.28 7.04
N ARG A 13 1.72 -3.22 7.22
CA ARG A 13 1.98 -4.39 8.04
C ARG A 13 1.45 -5.65 7.37
N PRO A 14 1.96 -6.82 7.80
CA PRO A 14 1.56 -8.11 7.25
C PRO A 14 0.14 -8.49 7.65
N GLY A 15 -0.79 -8.39 6.70
CA GLY A 15 -2.18 -8.73 6.97
C GLY A 15 -3.07 -7.51 6.97
N HIS A 16 -2.47 -6.33 6.90
CA HIS A 16 -3.24 -5.08 6.89
C HIS A 16 -2.41 -3.95 6.29
N ARG A 17 -2.43 -3.85 4.97
CA ARG A 17 -1.67 -2.81 4.27
C ARG A 17 -2.57 -1.62 3.96
N THR A 18 -1.95 -0.49 3.65
CA THR A 18 -2.69 0.73 3.34
C THR A 18 -2.88 0.89 1.82
N CYS A 19 -2.77 -0.23 1.11
CA CYS A 19 -2.93 -0.23 -0.33
C CYS A 19 -4.19 -0.98 -0.75
N CYS A 20 -4.84 -0.50 -1.81
CA CYS A 20 -6.06 -1.13 -2.31
C CYS A 20 -5.73 -2.41 -3.09
N ILE A 21 -6.76 -3.02 -3.67
CA ILE A 21 -6.59 -4.24 -4.45
C ILE A 21 -5.69 -4.00 -5.66
N GLY A 22 -4.87 -4.98 -5.99
CA GLY A 22 -3.98 -4.85 -7.12
C GLY A 22 -2.87 -3.84 -6.89
N LEU A 23 -2.45 -3.71 -5.63
CA LEU A 23 -1.40 -2.77 -5.28
C LEU A 23 -0.36 -3.42 -4.37
N GLN A 24 0.75 -2.73 -4.15
CA GLN A 24 1.82 -3.24 -3.30
C GLN A 24 2.59 -2.11 -2.64
N CYS A 25 3.04 -2.34 -1.42
CA CYS A 25 3.78 -1.33 -0.66
C CYS A 25 5.28 -1.62 -0.72
N ARG A 26 6.02 -0.76 -1.41
CA ARG A 26 7.46 -0.91 -1.54
C ARG A 26 8.15 0.44 -1.66
N TYR A 27 9.37 0.53 -1.14
CA TYR A 27 10.13 1.78 -1.18
C TYR A 27 9.43 2.88 -0.38
N GLY A 28 8.80 2.48 0.72
CA GLY A 28 8.10 3.44 1.55
C GLY A 28 6.92 4.07 0.84
N LYS A 29 6.53 3.49 -0.28
CA LYS A 29 5.41 4.00 -1.06
C LYS A 29 4.61 2.86 -1.69
N CYS A 30 3.43 3.18 -2.20
CA CYS A 30 2.58 2.18 -2.82
C CYS A 30 2.73 2.21 -4.35
N LEU A 31 2.63 1.04 -4.97
CA LEU A 31 2.75 0.94 -6.42
C LEU A 31 1.88 -0.19 -6.96
N VAL A 32 1.87 -0.33 -8.29
CA VAL A 32 1.06 -1.37 -8.93
C VAL A 32 1.73 -2.73 -8.79
N ARG A 33 1.05 -3.64 -8.10
CA ARG A 33 1.58 -4.99 -7.89
C ARG A 33 1.69 -5.73 -9.21
N ASP A 1 -10.73 -0.17 4.73
CA ASP A 1 -10.18 1.06 4.18
C ASP A 1 -8.84 0.82 3.50
N CYS A 2 -8.68 1.36 2.29
CA CYS A 2 -7.46 1.18 1.53
C CYS A 2 -6.98 2.52 0.96
N GLY A 3 -5.73 2.55 0.51
CA GLY A 3 -5.19 3.77 -0.05
C GLY A 3 -5.18 3.76 -1.57
N HIS A 4 -4.48 4.71 -2.17
CA HIS A 4 -4.41 4.81 -3.62
C HIS A 4 -3.24 3.99 -4.17
N LEU A 5 -3.04 4.05 -5.48
CA LEU A 5 -1.96 3.31 -6.12
C LEU A 5 -0.60 3.93 -5.79
N HIS A 6 -0.49 5.24 -5.97
CA HIS A 6 0.75 5.95 -5.69
C HIS A 6 0.69 6.64 -4.32
N ASP A 7 -0.17 6.12 -3.45
CA ASP A 7 -0.33 6.69 -2.11
C ASP A 7 0.69 6.10 -1.15
N PRO A 8 1.00 6.85 -0.09
CA PRO A 8 1.97 6.41 0.93
C PRO A 8 1.45 5.26 1.78
N CYS A 9 2.35 4.54 2.42
CA CYS A 9 1.98 3.41 3.26
C CYS A 9 2.94 3.28 4.44
N PRO A 10 2.92 4.28 5.34
CA PRO A 10 3.77 4.29 6.54
C PRO A 10 3.36 3.24 7.56
N ASN A 11 2.06 2.96 7.62
CA ASN A 11 1.55 1.96 8.55
C ASN A 11 1.40 0.61 7.89
N ASP A 12 2.27 0.33 6.92
CA ASP A 12 2.24 -0.94 6.20
C ASP A 12 2.65 -2.09 7.11
N ARG A 13 1.73 -3.02 7.32
CA ARG A 13 1.99 -4.18 8.18
C ARG A 13 1.48 -5.46 7.52
N PRO A 14 2.02 -6.61 7.97
CA PRO A 14 1.64 -7.92 7.45
C PRO A 14 0.22 -8.31 7.84
N GLY A 15 -0.70 -8.23 6.88
CA GLY A 15 -2.08 -8.59 7.15
C GLY A 15 -3.01 -7.38 7.12
N HIS A 16 -2.41 -6.20 7.04
CA HIS A 16 -3.19 -4.96 7.00
C HIS A 16 -2.38 -3.83 6.38
N ARG A 17 -2.40 -3.76 5.06
CA ARG A 17 -1.67 -2.72 4.34
C ARG A 17 -2.58 -1.54 4.00
N THR A 18 -1.97 -0.40 3.67
CA THR A 18 -2.74 0.79 3.33
C THR A 18 -2.92 0.91 1.83
N CYS A 19 -2.81 -0.22 1.12
CA CYS A 19 -2.97 -0.24 -0.32
C CYS A 19 -4.21 -1.01 -0.72
N CYS A 20 -4.86 -0.57 -1.80
CA CYS A 20 -6.08 -1.22 -2.28
C CYS A 20 -5.74 -2.50 -3.04
N ILE A 21 -6.76 -3.13 -3.60
CA ILE A 21 -6.57 -4.37 -4.35
C ILE A 21 -5.68 -4.13 -5.57
N GLY A 22 -4.84 -5.12 -5.88
CA GLY A 22 -3.95 -5.01 -7.02
C GLY A 22 -2.86 -3.98 -6.79
N LEU A 23 -2.43 -3.82 -5.55
CA LEU A 23 -1.39 -2.86 -5.21
C LEU A 23 -0.35 -3.50 -4.29
N GLN A 24 0.76 -2.79 -4.08
CA GLN A 24 1.82 -3.28 -3.22
C GLN A 24 2.58 -2.12 -2.57
N CYS A 25 3.03 -2.33 -1.34
CA CYS A 25 3.77 -1.30 -0.61
C CYS A 25 5.27 -1.57 -0.66
N ARG A 26 6.00 -0.71 -1.36
CA ARG A 26 7.45 -0.86 -1.48
C ARG A 26 8.12 0.49 -1.64
N TYR A 27 9.34 0.61 -1.11
CA TYR A 27 10.08 1.86 -1.18
C TYR A 27 9.38 2.96 -0.40
N GLY A 28 8.75 2.59 0.70
CA GLY A 28 8.04 3.56 1.52
C GLY A 28 6.85 4.16 0.79
N LYS A 29 6.47 3.56 -0.32
CA LYS A 29 5.34 4.04 -1.11
C LYS A 29 4.56 2.88 -1.72
N CYS A 30 3.38 3.18 -2.24
CA CYS A 30 2.54 2.16 -2.85
C CYS A 30 2.70 2.16 -4.37
N LEU A 31 2.60 0.98 -4.97
CA LEU A 31 2.73 0.85 -6.42
C LEU A 31 1.87 -0.30 -6.94
N VAL A 32 1.85 -0.47 -8.26
CA VAL A 32 1.07 -1.52 -8.89
C VAL A 32 1.74 -2.88 -8.72
N ARG A 33 1.08 -3.77 -8.00
CA ARG A 33 1.60 -5.12 -7.77
C ARG A 33 1.76 -5.88 -9.08
N ASP A 1 -10.40 0.23 5.37
CA ASP A 1 -10.22 1.13 4.24
C ASP A 1 -8.89 0.85 3.53
N CYS A 2 -8.70 1.49 2.39
CA CYS A 2 -7.48 1.31 1.61
C CYS A 2 -6.99 2.64 1.03
N GLY A 3 -5.75 2.66 0.57
CA GLY A 3 -5.19 3.88 0.00
C GLY A 3 -5.21 3.87 -1.52
N HIS A 4 -4.49 4.80 -2.12
CA HIS A 4 -4.42 4.91 -3.58
C HIS A 4 -3.28 4.06 -4.12
N LEU A 5 -3.08 4.13 -5.44
CA LEU A 5 -2.01 3.36 -6.08
C LEU A 5 -0.65 3.96 -5.77
N HIS A 6 -0.52 5.27 -5.95
CA HIS A 6 0.73 5.96 -5.68
C HIS A 6 0.69 6.65 -4.32
N ASP A 7 -0.17 6.15 -3.43
CA ASP A 7 -0.31 6.72 -2.09
C ASP A 7 0.71 6.11 -1.14
N PRO A 8 1.05 6.86 -0.08
CA PRO A 8 2.02 6.41 0.93
C PRO A 8 1.48 5.26 1.78
N CYS A 9 2.38 4.52 2.41
CA CYS A 9 2.01 3.40 3.25
C CYS A 9 2.96 3.25 4.42
N PRO A 10 2.96 4.24 5.32
CA PRO A 10 3.83 4.25 6.51
C PRO A 10 3.41 3.20 7.53
N ASN A 11 2.11 2.94 7.61
CA ASN A 11 1.59 1.95 8.54
C ASN A 11 1.41 0.60 7.88
N ASP A 12 2.27 0.31 6.90
CA ASP A 12 2.22 -0.95 6.18
C ASP A 12 2.62 -2.12 7.09
N ARG A 13 1.68 -3.04 7.30
CA ARG A 13 1.93 -4.20 8.15
C ARG A 13 1.40 -5.47 7.50
N PRO A 14 1.92 -6.63 7.95
CA PRO A 14 1.51 -7.94 7.42
C PRO A 14 0.09 -8.31 7.83
N GLY A 15 -0.83 -8.21 6.88
CA GLY A 15 -2.22 -8.54 7.16
C GLY A 15 -3.12 -7.32 7.13
N HIS A 16 -2.51 -6.14 7.05
CA HIS A 16 -3.28 -4.90 7.02
C HIS A 16 -2.45 -3.78 6.40
N ARG A 17 -2.48 -3.70 5.07
CA ARG A 17 -1.74 -2.68 4.35
C ARG A 17 -2.63 -1.49 4.02
N THR A 18 -2.01 -0.35 3.69
CA THR A 18 -2.75 0.86 3.35
C THR A 18 -2.94 0.98 1.85
N CYS A 19 -2.86 -0.16 1.15
CA CYS A 19 -3.02 -0.17 -0.29
C CYS A 19 -4.29 -0.93 -0.69
N CYS A 20 -4.95 -0.47 -1.75
CA CYS A 20 -6.16 -1.10 -2.22
C CYS A 20 -5.86 -2.38 -3.00
N ILE A 21 -6.89 -3.01 -3.52
CA ILE A 21 -6.73 -4.25 -4.28
C ILE A 21 -5.86 -4.03 -5.52
N GLY A 22 -5.02 -5.01 -5.83
CA GLY A 22 -4.15 -4.90 -6.99
C GLY A 22 -3.03 -3.89 -6.77
N LEU A 23 -2.60 -3.74 -5.53
CA LEU A 23 -1.53 -2.80 -5.20
C LEU A 23 -0.50 -3.45 -4.28
N GLN A 24 0.62 -2.76 -4.09
CA GLN A 24 1.69 -3.28 -3.24
C GLN A 24 2.47 -2.13 -2.60
N CYS A 25 2.93 -2.35 -1.37
CA CYS A 25 3.68 -1.33 -0.65
C CYS A 25 5.18 -1.63 -0.71
N ARG A 26 5.92 -0.78 -1.41
CA ARG A 26 7.36 -0.95 -1.55
C ARG A 26 8.06 0.41 -1.69
N TYR A 27 9.28 0.50 -1.18
CA TYR A 27 10.05 1.73 -1.26
C TYR A 27 9.36 2.85 -0.47
N GLY A 28 8.74 2.48 0.64
CA GLY A 28 8.05 3.46 1.46
C GLY A 28 6.86 4.08 0.75
N LYS A 29 6.47 3.48 -0.37
CA LYS A 29 5.34 3.99 -1.14
C LYS A 29 4.54 2.84 -1.75
N CYS A 30 3.35 3.16 -2.25
CA CYS A 30 2.49 2.15 -2.86
C CYS A 30 2.64 2.16 -4.39
N LEU A 31 2.53 0.98 -4.99
CA LEU A 31 2.64 0.85 -6.44
C LEU A 31 1.76 -0.28 -6.96
N VAL A 32 1.73 -0.44 -8.27
CA VAL A 32 0.93 -1.49 -8.90
C VAL A 32 1.58 -2.85 -8.73
N ARG A 33 0.91 -3.75 -8.01
CA ARG A 33 1.42 -5.09 -7.79
C ARG A 33 1.64 -5.83 -9.10
N ASP A 1 -10.59 2.40 3.98
CA ASP A 1 -10.16 1.02 4.17
C ASP A 1 -8.84 0.76 3.47
N CYS A 2 -8.63 1.42 2.35
CA CYS A 2 -7.40 1.25 1.57
C CYS A 2 -6.91 2.60 1.04
N GLY A 3 -5.65 2.62 0.59
CA GLY A 3 -5.09 3.85 0.05
C GLY A 3 -5.09 3.88 -1.46
N HIS A 4 -4.38 4.84 -2.03
CA HIS A 4 -4.31 4.98 -3.48
C HIS A 4 -3.16 4.15 -4.05
N LEU A 5 -2.96 4.25 -5.36
CA LEU A 5 -1.89 3.52 -6.03
C LEU A 5 -0.52 4.10 -5.68
N HIS A 6 -0.38 5.41 -5.83
CA HIS A 6 0.87 6.10 -5.52
C HIS A 6 0.81 6.74 -4.14
N ASP A 7 -0.05 6.21 -3.29
CA ASP A 7 -0.20 6.74 -1.93
C ASP A 7 0.82 6.10 -0.98
N PRO A 8 1.15 6.81 0.10
CA PRO A 8 2.11 6.33 1.10
C PRO A 8 1.56 5.17 1.91
N CYS A 9 2.47 4.41 2.53
CA CYS A 9 2.08 3.26 3.34
C CYS A 9 3.03 3.08 4.52
N PRO A 10 3.03 4.04 5.44
CA PRO A 10 3.88 4.01 6.63
C PRO A 10 3.46 2.93 7.62
N ASN A 11 2.17 2.68 7.68
CA ASN A 11 1.63 1.66 8.59
C ASN A 11 1.45 0.33 7.87
N ASP A 12 2.32 0.07 6.90
CA ASP A 12 2.27 -1.17 6.14
C ASP A 12 2.66 -2.36 7.02
N ARG A 13 1.72 -3.29 7.20
CA ARG A 13 1.96 -4.47 8.02
C ARG A 13 1.43 -5.73 7.32
N PRO A 14 1.95 -6.89 7.74
CA PRO A 14 1.54 -8.19 7.18
C PRO A 14 0.11 -8.56 7.56
N GLY A 15 -0.80 -8.44 6.61
CA GLY A 15 -2.19 -8.78 6.87
C GLY A 15 -3.09 -7.56 6.89
N HIS A 16 -2.49 -6.38 6.83
CA HIS A 16 -3.24 -5.13 6.85
C HIS A 16 -2.41 -4.00 6.25
N ARG A 17 -2.43 -3.88 4.93
CA ARG A 17 -1.68 -2.83 4.24
C ARG A 17 -2.57 -1.64 3.94
N THR A 18 -1.94 -0.50 3.65
CA THR A 18 -2.68 0.72 3.35
C THR A 18 -2.87 0.90 1.84
N CYS A 19 -2.78 -0.22 1.11
CA CYS A 19 -2.94 -0.20 -0.33
C CYS A 19 -4.21 -0.93 -0.75
N CYS A 20 -4.85 -0.44 -1.81
CA CYS A 20 -6.07 -1.05 -2.32
C CYS A 20 -5.76 -2.32 -3.11
N ILE A 21 -6.79 -2.92 -3.70
CA ILE A 21 -6.62 -4.13 -4.49
C ILE A 21 -5.74 -3.88 -5.70
N GLY A 22 -4.91 -4.87 -6.03
CA GLY A 22 -4.02 -4.74 -7.17
C GLY A 22 -2.91 -3.74 -6.93
N LEU A 23 -2.49 -3.62 -5.67
CA LEU A 23 -1.43 -2.70 -5.30
C LEU A 23 -0.40 -3.37 -4.41
N GLN A 24 0.72 -2.69 -4.18
CA GLN A 24 1.78 -3.22 -3.34
C GLN A 24 2.56 -2.10 -2.66
N CYS A 25 3.02 -2.35 -1.44
CA CYS A 25 3.77 -1.36 -0.68
C CYS A 25 5.26 -1.66 -0.74
N ARG A 26 6.01 -0.79 -1.42
CA ARG A 26 7.45 -0.96 -1.55
C ARG A 26 8.15 0.39 -1.65
N TYR A 27 9.37 0.46 -1.13
CA TYR A 27 10.14 1.71 -1.18
C TYR A 27 9.46 2.80 -0.36
N GLY A 28 8.83 2.41 0.74
CA GLY A 28 8.13 3.36 1.58
C GLY A 28 6.95 4.01 0.88
N LYS A 29 6.56 3.44 -0.26
CA LYS A 29 5.44 3.97 -1.02
C LYS A 29 4.64 2.84 -1.67
N CYS A 30 3.45 3.17 -2.17
CA CYS A 30 2.59 2.19 -2.81
C CYS A 30 2.75 2.23 -4.33
N LEU A 31 2.63 1.07 -4.96
CA LEU A 31 2.76 0.98 -6.42
C LEU A 31 1.87 -0.13 -6.97
N VAL A 32 1.85 -0.26 -8.29
CA VAL A 32 1.05 -1.28 -8.94
C VAL A 32 1.69 -2.65 -8.82
N ARG A 33 1.01 -3.57 -8.14
CA ARG A 33 1.52 -4.92 -7.94
C ARG A 33 1.61 -5.66 -9.27
N ASP A 1 -11.24 1.21 3.25
CA ASP A 1 -10.20 0.86 4.21
C ASP A 1 -8.87 0.61 3.51
N CYS A 2 -8.67 1.29 2.38
CA CYS A 2 -7.45 1.13 1.60
C CYS A 2 -6.98 2.48 1.06
N GLY A 3 -5.74 2.52 0.60
CA GLY A 3 -5.18 3.76 0.05
C GLY A 3 -5.20 3.78 -1.46
N HIS A 4 -4.49 4.75 -2.05
CA HIS A 4 -4.42 4.87 -3.49
C HIS A 4 -3.26 4.04 -4.06
N LEU A 5 -3.07 4.14 -5.38
CA LEU A 5 -1.99 3.40 -6.03
C LEU A 5 -0.63 4.00 -5.70
N HIS A 6 -0.52 5.31 -5.85
CA HIS A 6 0.74 6.01 -5.56
C HIS A 6 0.68 6.67 -4.19
N ASP A 7 -0.18 6.15 -3.32
CA ASP A 7 -0.33 6.69 -1.97
C ASP A 7 0.70 6.07 -1.02
N PRO A 8 1.02 6.79 0.06
CA PRO A 8 1.99 6.34 1.06
C PRO A 8 1.46 5.17 1.88
N CYS A 9 2.37 4.41 2.48
CA CYS A 9 2.00 3.26 3.30
C CYS A 9 2.96 3.10 4.48
N PRO A 10 2.94 4.08 5.40
CA PRO A 10 3.79 4.06 6.58
C PRO A 10 3.39 2.99 7.58
N ASN A 11 2.09 2.71 7.65
CA ASN A 11 1.57 1.69 8.56
C ASN A 11 1.41 0.36 7.86
N ASP A 12 2.28 0.10 6.89
CA ASP A 12 2.24 -1.14 6.13
C ASP A 12 2.65 -2.32 7.02
N ARG A 13 1.72 -3.27 7.20
CA ARG A 13 1.98 -4.44 8.02
C ARG A 13 1.44 -5.69 7.35
N PRO A 14 1.97 -6.86 7.77
CA PRO A 14 1.56 -8.16 7.22
C PRO A 14 0.15 -8.54 7.63
N GLY A 15 -0.79 -8.44 6.69
CA GLY A 15 -2.17 -8.78 6.97
C GLY A 15 -3.08 -7.56 6.97
N HIS A 16 -2.47 -6.38 6.90
CA HIS A 16 -3.24 -5.13 6.90
C HIS A 16 -2.42 -4.00 6.29
N ARG A 17 -2.45 -3.89 4.97
CA ARG A 17 -1.69 -2.85 4.27
C ARG A 17 -2.60 -1.66 3.96
N THR A 18 -1.97 -0.52 3.66
CA THR A 18 -2.72 0.69 3.35
C THR A 18 -2.92 0.85 1.85
N CYS A 19 -2.81 -0.27 1.13
CA CYS A 19 -2.98 -0.25 -0.32
C CYS A 19 -4.23 -1.02 -0.73
N CYS A 20 -4.89 -0.55 -1.79
CA CYS A 20 -6.11 -1.18 -2.28
C CYS A 20 -5.78 -2.44 -3.08
N ILE A 21 -6.82 -3.07 -3.63
CA ILE A 21 -6.64 -4.29 -4.42
C ILE A 21 -5.75 -4.02 -5.63
N GLY A 22 -4.92 -5.00 -5.98
CA GLY A 22 -4.04 -4.86 -7.12
C GLY A 22 -2.93 -3.84 -6.89
N LEU A 23 -2.50 -3.72 -5.64
CA LEU A 23 -1.45 -2.77 -5.28
C LEU A 23 -0.41 -3.44 -4.38
N GLN A 24 0.70 -2.74 -4.17
CA GLN A 24 1.77 -3.26 -3.32
C GLN A 24 2.54 -2.12 -2.66
N CYS A 25 3.00 -2.36 -1.43
CA CYS A 25 3.74 -1.36 -0.69
C CYS A 25 5.24 -1.64 -0.75
N ARG A 26 5.98 -0.76 -1.44
CA ARG A 26 7.42 -0.92 -1.58
C ARG A 26 8.10 0.44 -1.68
N TYR A 27 9.32 0.53 -1.16
CA TYR A 27 10.08 1.77 -1.21
C TYR A 27 9.38 2.87 -0.40
N GLY A 28 8.76 2.47 0.70
CA GLY A 28 8.05 3.42 1.55
C GLY A 28 6.87 4.05 0.84
N LYS A 29 6.48 3.47 -0.30
CA LYS A 29 5.35 3.99 -1.07
C LYS A 29 4.56 2.85 -1.70
N CYS A 30 3.37 3.16 -2.19
CA CYS A 30 2.52 2.16 -2.82
C CYS A 30 2.67 2.20 -4.35
N LEU A 31 2.57 1.04 -4.97
CA LEU A 31 2.70 0.94 -6.42
C LEU A 31 1.82 -0.19 -6.97
N VAL A 32 1.80 -0.32 -8.30
CA VAL A 32 1.00 -1.36 -8.94
C VAL A 32 1.68 -2.72 -8.81
N ARG A 33 1.00 -3.63 -8.12
CA ARG A 33 1.53 -4.98 -7.91
C ARG A 33 1.69 -5.70 -9.25
N ASP A 1 -10.55 2.32 4.09
CA ASP A 1 -10.17 0.91 4.19
C ASP A 1 -8.84 0.66 3.48
N CYS A 2 -8.64 1.32 2.35
CA CYS A 2 -7.42 1.17 1.57
C CYS A 2 -6.96 2.51 1.01
N GLY A 3 -5.71 2.55 0.55
CA GLY A 3 -5.17 3.79 0.00
C GLY A 3 -5.18 3.78 -1.51
N HIS A 4 -4.48 4.75 -2.11
CA HIS A 4 -4.41 4.86 -3.56
C HIS A 4 -3.25 4.04 -4.12
N LEU A 5 -3.04 4.12 -5.43
CA LEU A 5 -1.96 3.39 -6.08
C LEU A 5 -0.61 3.99 -5.74
N HIS A 6 -0.50 5.31 -5.91
CA HIS A 6 0.74 6.02 -5.63
C HIS A 6 0.69 6.69 -4.26
N ASP A 7 -0.17 6.16 -3.39
CA ASP A 7 -0.32 6.72 -2.04
C ASP A 7 0.70 6.11 -1.09
N PRO A 8 1.02 6.85 -0.02
CA PRO A 8 1.99 6.41 0.99
C PRO A 8 1.47 5.25 1.82
N CYS A 9 2.38 4.51 2.44
CA CYS A 9 2.02 3.37 3.26
C CYS A 9 2.97 3.22 4.44
N PRO A 10 2.95 4.20 5.36
CA PRO A 10 3.80 4.21 6.55
C PRO A 10 3.40 3.14 7.56
N ASN A 11 2.10 2.86 7.62
CA ASN A 11 1.58 1.85 8.55
C ASN A 11 1.44 0.50 7.85
N ASP A 12 2.31 0.24 6.88
CA ASP A 12 2.29 -1.01 6.14
C ASP A 12 2.69 -2.18 7.04
N ARG A 13 1.77 -3.12 7.23
CA ARG A 13 2.03 -4.28 8.07
C ARG A 13 1.51 -5.56 7.41
N PRO A 14 2.04 -6.71 7.84
CA PRO A 14 1.64 -8.02 7.30
C PRO A 14 0.22 -8.40 7.72
N GLY A 15 -0.71 -8.32 6.77
CA GLY A 15 -2.09 -8.66 7.05
C GLY A 15 -3.00 -7.45 7.04
N HIS A 16 -2.41 -6.27 6.96
CA HIS A 16 -3.17 -5.02 6.94
C HIS A 16 -2.37 -3.89 6.33
N ARG A 17 -2.38 -3.80 5.01
CA ARG A 17 -1.65 -2.77 4.29
C ARG A 17 -2.56 -1.58 3.97
N THR A 18 -1.94 -0.45 3.66
CA THR A 18 -2.70 0.76 3.33
C THR A 18 -2.89 0.90 1.82
N CYS A 19 -2.78 -0.22 1.11
CA CYS A 19 -2.94 -0.23 -0.33
C CYS A 19 -4.19 -0.99 -0.73
N CYS A 20 -4.85 -0.54 -1.80
CA CYS A 20 -6.06 -1.18 -2.28
C CYS A 20 -5.73 -2.45 -3.07
N ILE A 21 -6.76 -3.10 -3.61
CA ILE A 21 -6.57 -4.32 -4.38
C ILE A 21 -5.70 -4.07 -5.60
N GLY A 22 -4.84 -5.03 -5.93
CA GLY A 22 -3.97 -4.90 -7.07
C GLY A 22 -2.87 -3.88 -6.85
N LEU A 23 -2.44 -3.74 -5.60
CA LEU A 23 -1.39 -2.79 -5.26
C LEU A 23 -0.35 -3.43 -4.35
N GLN A 24 0.76 -2.73 -4.14
CA GLN A 24 1.83 -3.23 -3.29
C GLN A 24 2.60 -2.08 -2.63
N CYS A 25 3.05 -2.30 -1.41
CA CYS A 25 3.80 -1.29 -0.67
C CYS A 25 5.30 -1.56 -0.73
N ARG A 26 6.02 -0.70 -1.42
CA ARG A 26 7.46 -0.84 -1.56
C ARG A 26 8.14 0.52 -1.69
N TYR A 27 9.36 0.62 -1.17
CA TYR A 27 10.11 1.87 -1.22
C TYR A 27 9.40 2.97 -0.42
N GLY A 28 8.78 2.58 0.68
CA GLY A 28 8.07 3.54 1.51
C GLY A 28 6.88 4.15 0.80
N LYS A 29 6.50 3.56 -0.33
CA LYS A 29 5.37 4.06 -1.10
C LYS A 29 4.58 2.91 -1.73
N CYS A 30 3.39 3.21 -2.23
CA CYS A 30 2.55 2.20 -2.85
C CYS A 30 2.70 2.23 -4.37
N LEU A 31 2.61 1.05 -4.98
CA LEU A 31 2.74 0.95 -6.43
C LEU A 31 1.87 -0.19 -6.97
N VAL A 32 1.86 -0.35 -8.29
CA VAL A 32 1.06 -1.39 -8.93
C VAL A 32 1.74 -2.75 -8.78
N ARG A 33 1.07 -3.66 -8.08
CA ARG A 33 1.61 -5.00 -7.86
C ARG A 33 1.63 -5.79 -9.16
N ASP A 1 -10.20 2.03 4.83
CA ASP A 1 -10.13 0.68 4.27
C ASP A 1 -8.81 0.46 3.57
N CYS A 2 -8.62 1.12 2.43
CA CYS A 2 -7.39 0.98 1.66
C CYS A 2 -6.95 2.33 1.10
N GLY A 3 -5.70 2.39 0.64
CA GLY A 3 -5.18 3.63 0.09
C GLY A 3 -5.18 3.64 -1.43
N HIS A 4 -4.50 4.61 -2.01
CA HIS A 4 -4.43 4.73 -3.47
C HIS A 4 -3.26 3.92 -4.03
N LEU A 5 -3.05 4.01 -5.33
CA LEU A 5 -1.97 3.29 -5.99
C LEU A 5 -0.62 3.91 -5.66
N HIS A 6 -0.53 5.23 -5.82
CA HIS A 6 0.70 5.95 -5.54
C HIS A 6 0.64 6.61 -4.16
N ASP A 7 -0.21 6.09 -3.29
CA ASP A 7 -0.36 6.62 -1.95
C ASP A 7 0.67 6.03 -1.00
N PRO A 8 0.98 6.77 0.08
CA PRO A 8 1.95 6.34 1.09
C PRO A 8 1.45 5.17 1.91
N CYS A 9 2.37 4.43 2.52
CA CYS A 9 2.02 3.29 3.35
C CYS A 9 2.97 3.15 4.53
N PRO A 10 2.94 4.13 5.44
CA PRO A 10 3.80 4.14 6.63
C PRO A 10 3.40 3.06 7.64
N ASN A 11 2.11 2.77 7.70
CA ASN A 11 1.61 1.75 8.62
C ASN A 11 1.48 0.40 7.93
N ASP A 12 2.36 0.16 6.96
CA ASP A 12 2.34 -1.09 6.21
C ASP A 12 2.76 -2.27 7.10
N ARG A 13 1.85 -3.22 7.29
CA ARG A 13 2.13 -4.38 8.13
C ARG A 13 1.62 -5.66 7.47
N PRO A 14 2.17 -6.81 7.90
CA PRO A 14 1.78 -8.11 7.35
C PRO A 14 0.37 -8.52 7.77
N GLY A 15 -0.56 -8.43 6.82
CA GLY A 15 -1.94 -8.79 7.11
C GLY A 15 -2.86 -7.60 7.10
N HIS A 16 -2.29 -6.40 7.02
CA HIS A 16 -3.07 -5.17 7.00
C HIS A 16 -2.27 -4.03 6.39
N ARG A 17 -2.30 -3.94 5.07
CA ARG A 17 -1.57 -2.89 4.36
C ARG A 17 -2.49 -1.72 4.04
N THR A 18 -1.89 -0.57 3.73
CA THR A 18 -2.66 0.63 3.41
C THR A 18 -2.86 0.77 1.91
N CYS A 19 -2.73 -0.35 1.20
CA CYS A 19 -2.90 -0.34 -0.25
C CYS A 19 -4.15 -1.13 -0.66
N CYS A 20 -4.80 -0.68 -1.72
CA CYS A 20 -6.01 -1.34 -2.21
C CYS A 20 -5.65 -2.60 -3.00
N ILE A 21 -6.68 -3.26 -3.53
CA ILE A 21 -6.48 -4.47 -4.31
C ILE A 21 -5.61 -4.21 -5.54
N GLY A 22 -4.75 -5.17 -5.87
CA GLY A 22 -3.87 -5.02 -7.01
C GLY A 22 -2.79 -3.98 -6.79
N LEU A 23 -2.36 -3.84 -5.54
CA LEU A 23 -1.32 -2.88 -5.19
C LEU A 23 -0.27 -3.51 -4.29
N GLN A 24 0.83 -2.80 -4.07
CA GLN A 24 1.91 -3.28 -3.23
C GLN A 24 2.66 -2.13 -2.57
N CYS A 25 3.12 -2.35 -1.35
CA CYS A 25 3.84 -1.34 -0.60
C CYS A 25 5.36 -1.58 -0.66
N ARG A 26 6.06 -0.71 -1.36
CA ARG A 26 7.52 -0.84 -1.49
C ARG A 26 8.17 0.53 -1.62
N TYR A 27 9.39 0.65 -1.10
CA TYR A 27 10.13 1.91 -1.15
C TYR A 27 9.40 2.99 -0.36
N GLY A 28 8.78 2.59 0.75
CA GLY A 28 8.06 3.54 1.58
C GLY A 28 6.87 4.15 0.88
N LYS A 29 6.49 3.56 -0.25
CA LYS A 29 5.35 4.03 -1.02
C LYS A 29 4.58 2.88 -1.65
N CYS A 30 3.39 3.17 -2.15
CA CYS A 30 2.56 2.15 -2.77
C CYS A 30 2.71 2.18 -4.29
N LEU A 31 2.63 1.02 -4.91
CA LEU A 31 2.77 0.91 -6.36
C LEU A 31 1.91 -0.24 -6.90
N VAL A 32 1.89 -0.39 -8.22
CA VAL A 32 1.11 -1.44 -8.86
C VAL A 32 1.81 -2.79 -8.72
N ARG A 33 1.15 -3.71 -8.02
CA ARG A 33 1.71 -5.04 -7.80
C ARG A 33 1.89 -5.78 -9.14
N ASP A 1 -10.38 0.09 5.32
CA ASP A 1 -10.15 1.10 4.28
C ASP A 1 -8.81 0.87 3.59
N CYS A 2 -8.70 1.31 2.34
CA CYS A 2 -7.48 1.15 1.58
C CYS A 2 -7.00 2.49 1.02
N GLY A 3 -5.76 2.53 0.57
CA GLY A 3 -5.20 3.76 0.02
C GLY A 3 -5.22 3.77 -1.50
N HIS A 4 -4.52 4.73 -2.09
CA HIS A 4 -4.45 4.85 -3.54
C HIS A 4 -3.30 4.03 -4.11
N LEU A 5 -3.09 4.12 -5.42
CA LEU A 5 -2.02 3.38 -6.08
C LEU A 5 -0.66 3.98 -5.74
N HIS A 6 -0.55 5.30 -5.91
CA HIS A 6 0.70 6.00 -5.62
C HIS A 6 0.65 6.66 -4.24
N ASP A 7 -0.21 6.14 -3.37
CA ASP A 7 -0.35 6.68 -2.03
C ASP A 7 0.67 6.07 -1.08
N PRO A 8 0.99 6.80 0.00
CA PRO A 8 1.97 6.35 1.00
C PRO A 8 1.43 5.18 1.83
N CYS A 9 2.35 4.43 2.44
CA CYS A 9 1.98 3.29 3.26
C CYS A 9 2.94 3.13 4.44
N PRO A 10 2.92 4.12 5.35
CA PRO A 10 3.78 4.11 6.54
C PRO A 10 3.38 3.03 7.54
N ASN A 11 2.08 2.76 7.62
CA ASN A 11 1.56 1.75 8.53
C ASN A 11 1.41 0.41 7.84
N ASP A 12 2.27 0.15 6.87
CA ASP A 12 2.23 -1.10 6.12
C ASP A 12 2.63 -2.28 7.01
N ARG A 13 1.71 -3.22 7.21
CA ARG A 13 1.97 -4.38 8.03
C ARG A 13 1.45 -5.65 7.37
N PRO A 14 1.97 -6.81 7.79
CA PRO A 14 1.56 -8.11 7.25
C PRO A 14 0.15 -8.49 7.66
N GLY A 15 -0.78 -8.40 6.71
CA GLY A 15 -2.17 -8.74 6.99
C GLY A 15 -3.07 -7.54 6.99
N HIS A 16 -2.47 -6.35 6.92
CA HIS A 16 -3.24 -5.10 6.90
C HIS A 16 -2.43 -3.97 6.30
N ARG A 17 -2.45 -3.87 4.98
CA ARG A 17 -1.70 -2.83 4.27
C ARG A 17 -2.61 -1.64 3.96
N THR A 18 -1.99 -0.50 3.65
CA THR A 18 -2.74 0.70 3.33
C THR A 18 -2.94 0.85 1.83
N CYS A 19 -2.83 -0.27 1.11
CA CYS A 19 -3.01 -0.26 -0.34
C CYS A 19 -4.25 -1.03 -0.74
N CYS A 20 -4.91 -0.56 -1.80
CA CYS A 20 -6.13 -1.19 -2.29
C CYS A 20 -5.80 -2.47 -3.08
N ILE A 21 -6.84 -3.08 -3.64
CA ILE A 21 -6.66 -4.31 -4.41
C ILE A 21 -5.77 -4.05 -5.63
N GLY A 22 -4.94 -5.04 -5.97
CA GLY A 22 -4.06 -4.92 -7.11
C GLY A 22 -2.96 -3.90 -6.88
N LEU A 23 -2.53 -3.76 -5.63
CA LEU A 23 -1.48 -2.81 -5.28
C LEU A 23 -0.43 -3.46 -4.37
N GLN A 24 0.68 -2.77 -4.17
CA GLN A 24 1.75 -3.27 -3.32
C GLN A 24 2.52 -2.13 -2.67
N CYS A 25 2.98 -2.37 -1.44
CA CYS A 25 3.72 -1.35 -0.70
C CYS A 25 5.22 -1.63 -0.77
N ARG A 26 5.95 -0.76 -1.46
CA ARG A 26 7.39 -0.92 -1.60
C ARG A 26 8.07 0.44 -1.71
N TYR A 27 9.29 0.54 -1.20
CA TYR A 27 10.05 1.79 -1.25
C TYR A 27 9.35 2.88 -0.45
N GLY A 28 8.73 2.49 0.66
CA GLY A 28 8.03 3.45 1.49
C GLY A 28 6.83 4.07 0.79
N LYS A 29 6.45 3.49 -0.34
CA LYS A 29 5.32 3.99 -1.12
C LYS A 29 4.53 2.84 -1.74
N CYS A 30 3.34 3.16 -2.24
CA CYS A 30 2.49 2.15 -2.86
C CYS A 30 2.64 2.18 -4.39
N LEU A 31 2.53 1.02 -5.00
CA LEU A 31 2.65 0.91 -6.45
C LEU A 31 1.78 -0.22 -6.99
N VAL A 32 1.75 -0.36 -8.32
CA VAL A 32 0.96 -1.40 -8.95
C VAL A 32 1.63 -2.77 -8.82
N ARG A 33 0.96 -3.68 -8.11
CA ARG A 33 1.48 -5.03 -7.91
C ARG A 33 1.62 -5.77 -9.23
N ASP A 1 -10.53 2.51 4.11
CA ASP A 1 -10.17 1.10 4.21
C ASP A 1 -8.85 0.83 3.51
N CYS A 2 -8.65 1.47 2.36
CA CYS A 2 -7.42 1.29 1.59
C CYS A 2 -6.95 2.62 1.01
N GLY A 3 -5.70 2.65 0.56
CA GLY A 3 -5.14 3.87 -0.02
C GLY A 3 -5.16 3.84 -1.53
N HIS A 4 -4.45 4.79 -2.13
CA HIS A 4 -4.37 4.89 -3.59
C HIS A 4 -3.22 4.04 -4.13
N LEU A 5 -3.01 4.10 -5.44
CA LEU A 5 -1.94 3.35 -6.08
C LEU A 5 -0.58 3.95 -5.76
N HIS A 6 -0.46 5.26 -5.95
CA HIS A 6 0.79 5.95 -5.67
C HIS A 6 0.74 6.65 -4.32
N ASP A 7 -0.12 6.15 -3.43
CA ASP A 7 -0.27 6.73 -2.10
C ASP A 7 0.75 6.13 -1.14
N PRO A 8 1.08 6.88 -0.08
CA PRO A 8 2.05 6.44 0.93
C PRO A 8 1.52 5.29 1.79
N CYS A 9 2.42 4.56 2.41
CA CYS A 9 2.05 3.43 3.26
C CYS A 9 3.01 3.30 4.44
N PRO A 10 2.99 4.29 5.32
CA PRO A 10 3.86 4.32 6.51
C PRO A 10 3.44 3.26 7.54
N ASN A 11 2.15 3.00 7.62
CA ASN A 11 1.62 2.01 8.56
C ASN A 11 1.46 0.65 7.89
N ASP A 12 2.33 0.37 6.93
CA ASP A 12 2.27 -0.90 6.21
C ASP A 12 2.67 -2.06 7.12
N ARG A 13 1.74 -2.98 7.34
CA ARG A 13 1.99 -4.14 8.19
C ARG A 13 1.47 -5.42 7.54
N PRO A 14 2.00 -6.57 7.99
CA PRO A 14 1.60 -7.88 7.48
C PRO A 14 0.17 -8.26 7.88
N GLY A 15 -0.75 -8.17 6.93
CA GLY A 15 -2.13 -8.50 7.20
C GLY A 15 -3.04 -7.29 7.18
N HIS A 16 -2.44 -6.10 7.08
CA HIS A 16 -3.21 -4.87 7.05
C HIS A 16 -2.39 -3.74 6.43
N ARG A 17 -2.41 -3.67 5.09
CA ARG A 17 -1.67 -2.65 4.37
C ARG A 17 -2.57 -1.46 4.04
N THR A 18 -1.95 -0.33 3.71
CA THR A 18 -2.69 0.87 3.36
C THR A 18 -2.89 0.99 1.85
N CYS A 19 -2.79 -0.14 1.16
CA CYS A 19 -2.95 -0.16 -0.29
C CYS A 19 -4.22 -0.93 -0.67
N CYS A 20 -4.87 -0.48 -1.75
CA CYS A 20 -6.08 -1.13 -2.23
C CYS A 20 -5.76 -2.40 -2.99
N ILE A 21 -6.79 -3.02 -3.56
CA ILE A 21 -6.61 -4.26 -4.32
C ILE A 21 -5.72 -4.03 -5.53
N GLY A 22 -4.91 -5.03 -5.85
CA GLY A 22 -4.01 -4.92 -6.99
C GLY A 22 -2.91 -3.91 -6.78
N LEU A 23 -2.48 -3.76 -5.52
CA LEU A 23 -1.43 -2.81 -5.18
C LEU A 23 -0.40 -3.45 -4.26
N GLN A 24 0.72 -2.76 -4.06
CA GLN A 24 1.78 -3.26 -3.20
C GLN A 24 2.56 -2.11 -2.56
N CYS A 25 3.01 -2.32 -1.34
CA CYS A 25 3.77 -1.30 -0.61
C CYS A 25 5.27 -1.59 -0.67
N ARG A 26 6.00 -0.74 -1.37
CA ARG A 26 7.44 -0.91 -1.51
C ARG A 26 8.13 0.44 -1.65
N TYR A 27 9.35 0.55 -1.14
CA TYR A 27 10.11 1.79 -1.21
C TYR A 27 9.42 2.90 -0.43
N GLY A 28 8.79 2.53 0.68
CA GLY A 28 8.09 3.51 1.49
C GLY A 28 6.91 4.13 0.77
N LYS A 29 6.52 3.53 -0.34
CA LYS A 29 5.40 4.02 -1.13
C LYS A 29 4.60 2.87 -1.73
N CYS A 30 3.41 3.18 -2.24
CA CYS A 30 2.55 2.17 -2.84
C CYS A 30 2.71 2.17 -4.36
N LEU A 31 2.61 0.98 -4.96
CA LEU A 31 2.73 0.85 -6.41
C LEU A 31 1.85 -0.29 -6.93
N VAL A 32 1.83 -0.45 -8.25
CA VAL A 32 1.03 -1.49 -8.87
C VAL A 32 1.69 -2.86 -8.69
N ARG A 33 1.01 -3.75 -7.98
CA ARG A 33 1.53 -5.09 -7.74
C ARG A 33 1.67 -5.87 -9.05
N ASP A 1 -10.90 -0.12 4.31
CA ASP A 1 -10.14 1.11 4.17
C ASP A 1 -8.81 0.85 3.48
N CYS A 2 -8.63 1.43 2.30
CA CYS A 2 -7.40 1.26 1.53
C CYS A 2 -6.94 2.59 0.95
N GLY A 3 -5.69 2.63 0.49
CA GLY A 3 -5.13 3.84 -0.08
C GLY A 3 -5.14 3.82 -1.60
N HIS A 4 -4.43 4.77 -2.20
CA HIS A 4 -4.35 4.85 -3.66
C HIS A 4 -3.19 4.02 -4.19
N LEU A 5 -2.99 4.08 -5.50
CA LEU A 5 -1.91 3.32 -6.13
C LEU A 5 -0.55 3.94 -5.81
N HIS A 6 -0.43 5.25 -5.99
CA HIS A 6 0.81 5.95 -5.72
C HIS A 6 0.76 6.64 -4.36
N ASP A 7 -0.11 6.14 -3.48
CA ASP A 7 -0.26 6.71 -2.14
C ASP A 7 0.76 6.12 -1.18
N PRO A 8 1.07 6.87 -0.12
CA PRO A 8 2.03 6.44 0.90
C PRO A 8 1.50 5.28 1.75
N CYS A 9 2.40 4.56 2.40
CA CYS A 9 2.03 3.44 3.24
C CYS A 9 2.99 3.30 4.42
N PRO A 10 2.96 4.29 5.31
CA PRO A 10 3.82 4.31 6.50
C PRO A 10 3.40 3.26 7.52
N ASN A 11 2.10 2.99 7.60
CA ASN A 11 1.58 1.99 8.53
C ASN A 11 1.43 0.64 7.86
N ASP A 12 2.29 0.36 6.89
CA ASP A 12 2.24 -0.91 6.18
C ASP A 12 2.64 -2.07 7.08
N ARG A 13 1.70 -2.99 7.29
CA ARG A 13 1.95 -4.15 8.14
C ARG A 13 1.45 -5.43 7.47
N PRO A 14 1.98 -6.58 7.92
CA PRO A 14 1.60 -7.89 7.39
C PRO A 14 0.17 -8.28 7.78
N GLY A 15 -0.74 -8.20 6.81
CA GLY A 15 -2.13 -8.55 7.08
C GLY A 15 -3.05 -7.35 7.04
N HIS A 16 -2.45 -6.15 7.00
CA HIS A 16 -3.23 -4.92 6.96
C HIS A 16 -2.40 -3.77 6.37
N ARG A 17 -2.40 -3.68 5.04
CA ARG A 17 -1.65 -2.65 4.35
C ARG A 17 -2.55 -1.47 3.99
N THR A 18 -1.94 -0.34 3.67
CA THR A 18 -2.68 0.86 3.31
C THR A 18 -2.87 0.98 1.80
N CYS A 19 -2.77 -0.16 1.12
CA CYS A 19 -2.92 -0.19 -0.33
C CYS A 19 -4.18 -0.96 -0.72
N CYS A 20 -4.82 -0.51 -1.80
CA CYS A 20 -6.04 -1.16 -2.29
C CYS A 20 -5.71 -2.45 -3.04
N ILE A 21 -6.74 -3.06 -3.63
CA ILE A 21 -6.55 -4.29 -4.38
C ILE A 21 -5.65 -4.08 -5.59
N GLY A 22 -4.83 -5.07 -5.90
CA GLY A 22 -3.93 -4.97 -7.03
C GLY A 22 -2.84 -3.94 -6.81
N LEU A 23 -2.42 -3.79 -5.56
CA LEU A 23 -1.38 -2.83 -5.21
C LEU A 23 -0.34 -3.47 -4.29
N GLN A 24 0.77 -2.77 -4.08
CA GLN A 24 1.83 -3.26 -3.22
C GLN A 24 2.60 -2.11 -2.57
N CYS A 25 3.05 -2.32 -1.35
CA CYS A 25 3.80 -1.29 -0.62
C CYS A 25 5.30 -1.57 -0.67
N ARG A 26 6.03 -0.72 -1.38
CA ARG A 26 7.47 -0.87 -1.50
C ARG A 26 8.15 0.48 -1.66
N TYR A 27 9.38 0.59 -1.14
CA TYR A 27 10.13 1.84 -1.21
C TYR A 27 9.43 2.95 -0.43
N GLY A 28 8.80 2.58 0.68
CA GLY A 28 8.09 3.55 1.49
C GLY A 28 6.91 4.16 0.77
N LYS A 29 6.52 3.55 -0.35
CA LYS A 29 5.40 4.04 -1.13
C LYS A 29 4.61 2.88 -1.74
N CYS A 30 3.43 3.19 -2.26
CA CYS A 30 2.58 2.17 -2.86
C CYS A 30 2.74 2.17 -4.39
N LEU A 31 2.64 0.98 -4.98
CA LEU A 31 2.77 0.85 -6.43
C LEU A 31 1.91 -0.30 -6.95
N VAL A 32 1.89 -0.47 -8.27
CA VAL A 32 1.10 -1.53 -8.89
C VAL A 32 1.76 -2.89 -8.72
N ARG A 33 1.10 -3.78 -7.99
CA ARG A 33 1.62 -5.12 -7.75
C ARG A 33 1.85 -5.86 -9.06
N ASP A 1 -11.30 0.68 3.39
CA ASP A 1 -10.22 1.26 4.18
C ASP A 1 -8.87 1.01 3.52
N CYS A 2 -8.75 1.39 2.26
CA CYS A 2 -7.52 1.21 1.50
C CYS A 2 -7.02 2.54 0.96
N GLY A 3 -5.76 2.56 0.51
CA GLY A 3 -5.19 3.78 -0.02
C GLY A 3 -5.19 3.79 -1.54
N HIS A 4 -4.48 4.75 -2.13
CA HIS A 4 -4.40 4.88 -3.58
C HIS A 4 -3.26 4.06 -4.14
N LEU A 5 -3.04 4.14 -5.45
CA LEU A 5 -1.97 3.41 -6.10
C LEU A 5 -0.61 4.01 -5.76
N HIS A 6 -0.49 5.32 -5.92
CA HIS A 6 0.76 6.02 -5.62
C HIS A 6 0.70 6.67 -4.25
N ASP A 7 -0.16 6.14 -3.38
CA ASP A 7 -0.30 6.67 -2.03
C ASP A 7 0.71 6.03 -1.08
N PRO A 8 1.03 6.74 0.01
CA PRO A 8 1.98 6.27 1.02
C PRO A 8 1.43 5.09 1.83
N CYS A 9 2.32 4.38 2.51
CA CYS A 9 1.93 3.24 3.32
C CYS A 9 2.89 3.05 4.50
N PRO A 10 2.89 4.04 5.41
CA PRO A 10 3.75 4.00 6.60
C PRO A 10 3.31 2.94 7.61
N ASN A 11 2.01 2.69 7.66
CA ASN A 11 1.46 1.70 8.58
C ASN A 11 1.29 0.35 7.89
N ASP A 12 2.16 0.07 6.92
CA ASP A 12 2.10 -1.18 6.18
C ASP A 12 2.48 -2.36 7.06
N ARG A 13 1.54 -3.28 7.25
CA ARG A 13 1.78 -4.45 8.09
C ARG A 13 1.25 -5.72 7.41
N PRO A 14 1.76 -6.87 7.84
CA PRO A 14 1.36 -8.18 7.28
C PRO A 14 -0.06 -8.54 7.68
N GLY A 15 -0.98 -8.44 6.72
CA GLY A 15 -2.37 -8.77 6.98
C GLY A 15 -3.27 -7.55 6.95
N HIS A 16 -2.66 -6.37 6.90
CA HIS A 16 -3.42 -5.12 6.88
C HIS A 16 -2.58 -3.99 6.29
N ARG A 17 -2.58 -3.90 4.96
CA ARG A 17 -1.83 -2.86 4.27
C ARG A 17 -2.71 -1.66 3.94
N THR A 18 -2.08 -0.53 3.65
CA THR A 18 -2.81 0.69 3.32
C THR A 18 -2.99 0.83 1.81
N CYS A 19 -2.89 -0.29 1.10
CA CYS A 19 -3.04 -0.28 -0.36
C CYS A 19 -4.30 -1.02 -0.77
N CYS A 20 -4.94 -0.54 -1.84
CA CYS A 20 -6.17 -1.16 -2.34
C CYS A 20 -5.85 -2.43 -3.11
N ILE A 21 -6.87 -3.00 -3.76
CA ILE A 21 -6.71 -4.23 -4.52
C ILE A 21 -5.77 -4.00 -5.70
N GLY A 22 -5.00 -5.03 -6.03
CA GLY A 22 -4.07 -4.94 -7.15
C GLY A 22 -2.98 -3.92 -6.91
N LEU A 23 -2.57 -3.78 -5.65
CA LEU A 23 -1.52 -2.83 -5.29
C LEU A 23 -0.49 -3.48 -4.37
N GLN A 24 0.62 -2.78 -4.15
CA GLN A 24 1.68 -3.30 -3.29
C GLN A 24 2.43 -2.16 -2.62
N CYS A 25 2.91 -2.41 -1.40
CA CYS A 25 3.64 -1.40 -0.65
C CYS A 25 5.14 -1.67 -0.71
N ARG A 26 5.86 -0.77 -1.39
CA ARG A 26 7.31 -0.91 -1.54
C ARG A 26 7.97 0.46 -1.62
N TYR A 27 9.20 0.56 -1.09
CA TYR A 27 9.93 1.81 -1.11
C TYR A 27 9.23 2.88 -0.29
N GLY A 28 8.61 2.45 0.82
CA GLY A 28 7.90 3.38 1.68
C GLY A 28 6.70 4.00 1.00
N LYS A 29 6.31 3.44 -0.14
CA LYS A 29 5.17 3.93 -0.89
C LYS A 29 4.37 2.78 -1.50
N CYS A 30 3.29 3.11 -2.19
CA CYS A 30 2.44 2.11 -2.83
C CYS A 30 2.62 2.13 -4.34
N LEU A 31 2.49 0.97 -4.96
CA LEU A 31 2.63 0.85 -6.41
C LEU A 31 1.75 -0.25 -6.96
N VAL A 32 1.74 -0.41 -8.28
CA VAL A 32 0.94 -1.43 -8.93
C VAL A 32 1.59 -2.80 -8.80
N ARG A 33 0.91 -3.72 -8.11
CA ARG A 33 1.42 -5.06 -7.91
C ARG A 33 1.60 -5.78 -9.24
N ASP A 1 -10.57 0.08 5.23
CA ASP A 1 -10.25 1.12 4.26
C ASP A 1 -8.91 0.83 3.57
N CYS A 2 -8.72 1.43 2.40
CA CYS A 2 -7.49 1.23 1.63
C CYS A 2 -7.00 2.56 1.07
N GLY A 3 -5.74 2.57 0.61
CA GLY A 3 -5.16 3.78 0.07
C GLY A 3 -5.19 3.80 -1.45
N HIS A 4 -4.48 4.74 -2.05
CA HIS A 4 -4.41 4.86 -3.50
C HIS A 4 -3.28 4.02 -4.07
N LEU A 5 -3.08 4.11 -5.39
CA LEU A 5 -2.02 3.36 -6.05
C LEU A 5 -0.65 3.95 -5.73
N HIS A 6 -0.52 5.26 -5.89
CA HIS A 6 0.73 5.95 -5.61
C HIS A 6 0.70 6.61 -4.23
N ASP A 7 -0.15 6.09 -3.36
CA ASP A 7 -0.28 6.63 -2.01
C ASP A 7 0.74 5.99 -1.07
N PRO A 8 1.08 6.71 0.02
CA PRO A 8 2.03 6.22 1.01
C PRO A 8 1.49 5.07 1.82
N CYS A 9 2.38 4.36 2.52
CA CYS A 9 2.00 3.22 3.35
C CYS A 9 2.97 3.03 4.50
N PRO A 10 3.00 4.01 5.41
CA PRO A 10 3.89 3.98 6.58
C PRO A 10 3.45 2.92 7.60
N ASN A 11 2.16 2.69 7.69
CA ASN A 11 1.61 1.71 8.62
C ASN A 11 1.41 0.36 7.93
N ASP A 12 2.26 0.07 6.96
CA ASP A 12 2.17 -1.19 6.22
C ASP A 12 2.55 -2.37 7.11
N ARG A 13 1.61 -3.27 7.32
CA ARG A 13 1.84 -4.44 8.16
C ARG A 13 1.32 -5.71 7.48
N PRO A 14 1.83 -6.86 7.92
CA PRO A 14 1.43 -8.17 7.37
C PRO A 14 0.00 -8.54 7.76
N GLY A 15 -0.92 -8.43 6.80
CA GLY A 15 -2.31 -8.76 7.07
C GLY A 15 -3.20 -7.54 7.05
N HIS A 16 -2.59 -6.36 6.99
CA HIS A 16 -3.35 -5.11 6.97
C HIS A 16 -2.52 -3.99 6.37
N ARG A 17 -2.54 -3.89 5.04
CA ARG A 17 -1.78 -2.85 4.35
C ARG A 17 -2.67 -1.66 4.02
N THR A 18 -2.04 -0.53 3.72
CA THR A 18 -2.77 0.69 3.39
C THR A 18 -2.97 0.83 1.89
N CYS A 19 -2.89 -0.28 1.18
CA CYS A 19 -3.06 -0.29 -0.27
C CYS A 19 -4.33 -1.02 -0.67
N CYS A 20 -4.97 -0.54 -1.74
CA CYS A 20 -6.20 -1.15 -2.22
C CYS A 20 -5.92 -2.44 -2.98
N ILE A 21 -6.94 -2.99 -3.61
CA ILE A 21 -6.79 -4.22 -4.38
C ILE A 21 -5.87 -4.02 -5.58
N GLY A 22 -5.11 -5.05 -5.92
CA GLY A 22 -4.20 -4.97 -7.05
C GLY A 22 -3.09 -3.96 -6.81
N LEU A 23 -2.67 -3.82 -5.56
CA LEU A 23 -1.61 -2.88 -5.21
C LEU A 23 -0.57 -3.54 -4.30
N GLN A 24 0.54 -2.84 -4.10
CA GLN A 24 1.61 -3.36 -3.24
C GLN A 24 2.38 -2.22 -2.58
N CYS A 25 2.86 -2.46 -1.37
CA CYS A 25 3.61 -1.47 -0.62
C CYS A 25 5.11 -1.73 -0.71
N ARG A 26 5.84 -0.86 -1.39
CA ARG A 26 7.27 -1.00 -1.55
C ARG A 26 7.95 0.36 -1.65
N TYR A 27 9.17 0.44 -1.14
CA TYR A 27 9.93 1.70 -1.16
C TYR A 27 9.23 2.78 -0.34
N GLY A 28 8.62 2.36 0.77
CA GLY A 28 7.94 3.30 1.63
C GLY A 28 6.72 3.91 0.96
N LYS A 29 6.33 3.35 -0.17
CA LYS A 29 5.18 3.85 -0.92
C LYS A 29 4.37 2.71 -1.52
N CYS A 30 3.28 3.05 -2.19
CA CYS A 30 2.42 2.05 -2.82
C CYS A 30 2.58 2.07 -4.33
N LEU A 31 2.44 0.89 -4.95
CA LEU A 31 2.56 0.76 -6.40
C LEU A 31 1.66 -0.34 -6.92
N VAL A 32 1.64 -0.50 -8.25
CA VAL A 32 0.82 -1.52 -8.88
C VAL A 32 1.46 -2.89 -8.75
N ARG A 33 0.79 -3.79 -8.05
CA ARG A 33 1.29 -5.15 -7.85
C ARG A 33 1.55 -5.84 -9.19
N ASP A 1 -10.53 2.63 4.07
CA ASP A 1 -10.07 1.27 4.34
C ASP A 1 -8.75 1.00 3.64
N CYS A 2 -8.59 1.53 2.43
CA CYS A 2 -7.37 1.32 1.67
C CYS A 2 -6.87 2.65 1.08
N GLY A 3 -5.63 2.65 0.62
CA GLY A 3 -5.06 3.86 0.04
C GLY A 3 -5.11 3.85 -1.48
N HIS A 4 -4.40 4.80 -2.09
CA HIS A 4 -4.36 4.90 -3.54
C HIS A 4 -3.22 4.06 -4.11
N LEU A 5 -3.04 4.14 -5.43
CA LEU A 5 -1.98 3.39 -6.09
C LEU A 5 -0.61 3.99 -5.79
N HIS A 6 -0.49 5.30 -5.98
CA HIS A 6 0.76 5.99 -5.72
C HIS A 6 0.74 6.67 -4.35
N ASP A 7 -0.10 6.16 -3.46
CA ASP A 7 -0.22 6.71 -2.11
C ASP A 7 0.81 6.08 -1.18
N PRO A 8 1.14 6.80 -0.10
CA PRO A 8 2.11 6.34 0.89
C PRO A 8 1.58 5.17 1.72
N CYS A 9 2.48 4.49 2.42
CA CYS A 9 2.11 3.35 3.25
C CYS A 9 3.08 3.18 4.41
N PRO A 10 3.10 4.17 5.31
CA PRO A 10 3.97 4.16 6.49
C PRO A 10 3.56 3.10 7.51
N ASN A 11 2.26 2.85 7.60
CA ASN A 11 1.74 1.87 8.53
C ASN A 11 1.54 0.51 7.86
N ASP A 12 2.40 0.23 6.88
CA ASP A 12 2.33 -1.04 6.15
C ASP A 12 2.73 -2.20 7.04
N ARG A 13 1.79 -3.12 7.26
CA ARG A 13 2.04 -4.28 8.10
C ARG A 13 1.46 -5.55 7.47
N PRO A 14 1.98 -6.71 7.89
CA PRO A 14 1.52 -8.01 7.38
C PRO A 14 0.11 -8.35 7.84
N GLY A 15 -0.84 -8.26 6.91
CA GLY A 15 -2.23 -8.56 7.24
C GLY A 15 -3.11 -7.33 7.21
N HIS A 16 -2.49 -6.16 7.12
CA HIS A 16 -3.23 -4.91 7.09
C HIS A 16 -2.39 -3.79 6.46
N ARG A 17 -2.42 -3.72 5.13
CA ARG A 17 -1.67 -2.71 4.40
C ARG A 17 -2.54 -1.51 4.07
N THR A 18 -1.91 -0.39 3.73
CA THR A 18 -2.63 0.82 3.39
C THR A 18 -2.83 0.95 1.88
N CYS A 19 -2.76 -0.19 1.19
CA CYS A 19 -2.93 -0.21 -0.25
C CYS A 19 -4.21 -0.96 -0.64
N CYS A 20 -4.87 -0.50 -1.69
CA CYS A 20 -6.10 -1.12 -2.17
C CYS A 20 -5.80 -2.41 -2.91
N ILE A 21 -6.83 -2.97 -3.54
CA ILE A 21 -6.68 -4.21 -4.29
C ILE A 21 -5.77 -4.02 -5.49
N GLY A 22 -5.01 -5.07 -5.82
CA GLY A 22 -4.11 -4.99 -6.96
C GLY A 22 -3.01 -3.97 -6.75
N LEU A 23 -2.58 -3.80 -5.51
CA LEU A 23 -1.53 -2.85 -5.17
C LEU A 23 -0.47 -3.49 -4.27
N GLN A 24 0.64 -2.79 -4.08
CA GLN A 24 1.72 -3.29 -3.24
C GLN A 24 2.50 -2.15 -2.60
N CYS A 25 2.99 -2.37 -1.39
CA CYS A 25 3.74 -1.34 -0.67
C CYS A 25 5.24 -1.61 -0.78
N ARG A 26 5.95 -0.73 -1.48
CA ARG A 26 7.39 -0.87 -1.66
C ARG A 26 8.06 0.49 -1.78
N TYR A 27 9.28 0.59 -1.30
CA TYR A 27 10.03 1.85 -1.35
C TYR A 27 9.35 2.93 -0.52
N GLY A 28 8.76 2.52 0.59
CA GLY A 28 8.07 3.47 1.45
C GLY A 28 6.85 4.07 0.80
N LYS A 29 6.44 3.50 -0.32
CA LYS A 29 5.27 3.98 -1.06
C LYS A 29 4.46 2.82 -1.62
N CYS A 30 3.36 3.14 -2.29
CA CYS A 30 2.50 2.13 -2.89
C CYS A 30 2.64 2.12 -4.40
N LEU A 31 2.50 0.95 -5.01
CA LEU A 31 2.61 0.80 -6.46
C LEU A 31 1.71 -0.31 -6.97
N VAL A 32 1.67 -0.49 -8.28
CA VAL A 32 0.85 -1.53 -8.89
C VAL A 32 1.50 -2.90 -8.76
N ARG A 33 0.84 -3.80 -8.03
CA ARG A 33 1.35 -5.14 -7.82
C ARG A 33 1.72 -5.79 -9.15
N ASP A 1 -11.41 0.45 3.13
CA ASP A 1 -10.47 1.25 3.91
C ASP A 1 -9.04 1.01 3.44
N CYS A 2 -8.76 1.39 2.19
CA CYS A 2 -7.43 1.21 1.62
C CYS A 2 -6.92 2.53 1.04
N GLY A 3 -5.63 2.56 0.71
CA GLY A 3 -5.04 3.77 0.15
C GLY A 3 -5.09 3.78 -1.37
N HIS A 4 -4.40 4.74 -1.97
CA HIS A 4 -4.36 4.87 -3.42
C HIS A 4 -3.20 4.06 -4.00
N LEU A 5 -2.98 4.21 -5.30
CA LEU A 5 -1.91 3.50 -5.98
C LEU A 5 -0.55 4.08 -5.60
N HIS A 6 -0.38 5.38 -5.83
CA HIS A 6 0.87 6.06 -5.50
C HIS A 6 0.80 6.70 -4.12
N ASP A 7 -0.08 6.18 -3.27
CA ASP A 7 -0.24 6.71 -1.92
C ASP A 7 0.77 6.09 -0.97
N PRO A 8 1.09 6.82 0.10
CA PRO A 8 2.06 6.37 1.11
C PRO A 8 1.52 5.20 1.94
N CYS A 9 2.43 4.41 2.51
CA CYS A 9 2.05 3.27 3.32
C CYS A 9 3.00 3.09 4.50
N PRO A 10 3.00 4.07 5.42
CA PRO A 10 3.86 4.05 6.60
C PRO A 10 3.45 2.97 7.60
N ASN A 11 2.15 2.70 7.66
CA ASN A 11 1.62 1.69 8.57
C ASN A 11 1.46 0.35 7.87
N ASP A 12 2.34 0.09 6.92
CA ASP A 12 2.32 -1.17 6.17
C ASP A 12 2.72 -2.33 7.06
N ARG A 13 1.81 -3.28 7.24
CA ARG A 13 2.07 -4.44 8.08
C ARG A 13 1.58 -5.72 7.39
N PRO A 14 2.13 -6.87 7.82
CA PRO A 14 1.77 -8.17 7.26
C PRO A 14 0.35 -8.60 7.64
N GLY A 15 -0.55 -8.51 6.67
CA GLY A 15 -1.93 -8.88 6.92
C GLY A 15 -2.87 -7.69 6.91
N HIS A 16 -2.30 -6.49 6.85
CA HIS A 16 -3.09 -5.27 6.85
C HIS A 16 -2.30 -4.11 6.25
N ARG A 17 -2.30 -4.01 4.92
CA ARG A 17 -1.58 -2.94 4.23
C ARG A 17 -2.49 -1.75 3.97
N THR A 18 -1.89 -0.61 3.68
CA THR A 18 -2.64 0.61 3.41
C THR A 18 -2.85 0.81 1.91
N CYS A 19 -2.78 -0.29 1.17
CA CYS A 19 -2.96 -0.24 -0.28
C CYS A 19 -4.24 -0.98 -0.69
N CYS A 20 -4.87 -0.51 -1.76
CA CYS A 20 -6.09 -1.12 -2.26
C CYS A 20 -5.80 -2.38 -3.05
N ILE A 21 -6.84 -3.02 -3.57
CA ILE A 21 -6.68 -4.24 -4.34
C ILE A 21 -5.83 -4.01 -5.57
N GLY A 22 -4.96 -4.97 -5.88
CA GLY A 22 -4.09 -4.84 -7.04
C GLY A 22 -2.98 -3.84 -6.83
N LEU A 23 -2.51 -3.73 -5.59
CA LEU A 23 -1.44 -2.79 -5.25
C LEU A 23 -0.40 -3.46 -4.36
N GLN A 24 0.71 -2.77 -4.14
CA GLN A 24 1.78 -3.29 -3.30
C GLN A 24 2.56 -2.16 -2.64
N CYS A 25 3.01 -2.40 -1.41
CA CYS A 25 3.76 -1.39 -0.66
C CYS A 25 5.25 -1.69 -0.72
N ARG A 26 6.00 -0.82 -1.40
CA ARG A 26 7.44 -1.00 -1.52
C ARG A 26 8.15 0.35 -1.61
N TYR A 27 9.36 0.42 -1.08
CA TYR A 27 10.14 1.66 -1.10
C TYR A 27 9.45 2.75 -0.29
N GLY A 28 8.79 2.34 0.81
CA GLY A 28 8.10 3.30 1.65
C GLY A 28 6.93 3.95 0.94
N LYS A 29 6.55 3.40 -0.20
CA LYS A 29 5.43 3.93 -0.98
C LYS A 29 4.62 2.80 -1.62
N CYS A 30 3.43 3.14 -2.10
CA CYS A 30 2.56 2.16 -2.74
C CYS A 30 2.71 2.21 -4.26
N LEU A 31 2.60 1.05 -4.89
CA LEU A 31 2.73 0.96 -6.34
C LEU A 31 1.83 -0.14 -6.90
N VAL A 32 1.81 -0.27 -8.23
CA VAL A 32 1.00 -1.28 -8.88
C VAL A 32 1.62 -2.66 -8.74
N ARG A 33 0.91 -3.56 -8.05
CA ARG A 33 1.40 -4.92 -7.84
C ARG A 33 1.47 -5.68 -9.16
N ASP A 1 -11.34 0.32 3.41
CA ASP A 1 -10.23 0.92 4.15
C ASP A 1 -8.90 0.66 3.45
N CYS A 2 -8.68 1.34 2.33
CA CYS A 2 -7.45 1.18 1.56
C CYS A 2 -6.97 2.52 1.03
N GLY A 3 -5.71 2.56 0.59
CA GLY A 3 -5.14 3.79 0.06
C GLY A 3 -5.15 3.81 -1.46
N HIS A 4 -4.42 4.77 -2.03
CA HIS A 4 -4.34 4.91 -3.48
C HIS A 4 -3.18 4.07 -4.03
N LEU A 5 -2.98 4.17 -5.34
CA LEU A 5 -1.90 3.43 -6.00
C LEU A 5 -0.54 4.01 -5.65
N HIS A 6 -0.42 5.32 -5.80
CA HIS A 6 0.84 6.01 -5.50
C HIS A 6 0.78 6.67 -4.12
N ASP A 7 -0.09 6.16 -3.26
CA ASP A 7 -0.24 6.69 -1.91
C ASP A 7 0.78 6.07 -0.96
N PRO A 8 1.11 6.80 0.11
CA PRO A 8 2.08 6.35 1.11
C PRO A 8 1.55 5.19 1.95
N CYS A 9 2.45 4.43 2.56
CA CYS A 9 2.07 3.30 3.39
C CYS A 9 3.04 3.12 4.55
N PRO A 10 3.07 4.11 5.46
CA PRO A 10 3.94 4.09 6.63
C PRO A 10 3.53 3.03 7.65
N ASN A 11 2.22 2.79 7.74
CA ASN A 11 1.70 1.80 8.67
C ASN A 11 1.51 0.45 7.99
N ASP A 12 2.36 0.16 7.02
CA ASP A 12 2.30 -1.10 6.28
C ASP A 12 2.70 -2.27 7.18
N ARG A 13 1.77 -3.19 7.39
CA ARG A 13 2.02 -4.35 8.23
C ARG A 13 1.60 -5.64 7.53
N PRO A 14 2.15 -6.77 7.99
CA PRO A 14 1.84 -8.09 7.41
C PRO A 14 0.42 -8.53 7.72
N GLY A 15 -0.46 -8.44 6.72
CA GLY A 15 -1.84 -8.84 6.91
C GLY A 15 -2.79 -7.66 6.89
N HIS A 16 -2.24 -6.46 6.84
CA HIS A 16 -3.05 -5.24 6.82
C HIS A 16 -2.26 -4.07 6.24
N ARG A 17 -2.31 -3.93 4.92
CA ARG A 17 -1.60 -2.85 4.24
C ARG A 17 -2.53 -1.68 3.95
N THR A 18 -1.94 -0.53 3.66
CA THR A 18 -2.73 0.68 3.37
C THR A 18 -2.92 0.85 1.87
N CYS A 19 -2.81 -0.26 1.12
CA CYS A 19 -2.98 -0.23 -0.32
C CYS A 19 -4.24 -0.97 -0.74
N CYS A 20 -4.87 -0.50 -1.81
CA CYS A 20 -6.09 -1.12 -2.32
C CYS A 20 -5.77 -2.39 -3.12
N ILE A 21 -6.79 -3.01 -3.68
CA ILE A 21 -6.62 -4.22 -4.47
C ILE A 21 -5.73 -3.95 -5.68
N GLY A 22 -4.90 -4.93 -6.01
CA GLY A 22 -4.00 -4.79 -7.15
C GLY A 22 -2.90 -3.78 -6.90
N LEU A 23 -2.47 -3.67 -5.64
CA LEU A 23 -1.42 -2.74 -5.27
C LEU A 23 -0.40 -3.41 -4.36
N GLN A 24 0.72 -2.73 -4.12
CA GLN A 24 1.77 -3.25 -3.26
C GLN A 24 2.54 -2.13 -2.58
N CYS A 25 2.99 -2.38 -1.36
CA CYS A 25 3.73 -1.38 -0.60
C CYS A 25 5.23 -1.67 -0.65
N ARG A 26 5.98 -0.80 -1.32
CA ARG A 26 7.42 -0.97 -1.44
C ARG A 26 8.12 0.39 -1.54
N TYR A 27 9.34 0.46 -1.01
CA TYR A 27 10.10 1.70 -1.05
C TYR A 27 9.41 2.80 -0.25
N GLY A 28 8.77 2.41 0.85
CA GLY A 28 8.07 3.37 1.68
C GLY A 28 6.89 4.01 0.97
N LYS A 29 6.51 3.44 -0.17
CA LYS A 29 5.39 3.95 -0.96
C LYS A 29 4.60 2.82 -1.60
N CYS A 30 3.42 3.15 -2.12
CA CYS A 30 2.57 2.15 -2.76
C CYS A 30 2.74 2.20 -4.28
N LEU A 31 2.65 1.03 -4.90
CA LEU A 31 2.79 0.94 -6.36
C LEU A 31 1.90 -0.18 -6.91
N VAL A 32 1.89 -0.31 -8.24
CA VAL A 32 1.10 -1.34 -8.90
C VAL A 32 1.75 -2.70 -8.77
N ARG A 33 1.07 -3.62 -8.09
CA ARG A 33 1.59 -4.97 -7.89
C ARG A 33 1.47 -5.78 -9.18
N ASP A 1 -11.38 1.13 3.10
CA ASP A 1 -10.33 1.04 4.11
C ASP A 1 -8.97 0.76 3.46
N CYS A 2 -8.77 1.32 2.28
CA CYS A 2 -7.52 1.13 1.56
C CYS A 2 -7.01 2.46 0.99
N GLY A 3 -5.74 2.48 0.59
CA GLY A 3 -5.16 3.69 0.03
C GLY A 3 -5.16 3.68 -1.48
N HIS A 4 -4.46 4.65 -2.08
CA HIS A 4 -4.39 4.77 -3.52
C HIS A 4 -3.20 3.97 -4.07
N LEU A 5 -2.97 4.07 -5.38
CA LEU A 5 -1.87 3.36 -6.01
C LEU A 5 -0.53 3.98 -5.64
N HIS A 6 -0.41 5.28 -5.86
CA HIS A 6 0.83 6.00 -5.54
C HIS A 6 0.74 6.65 -4.17
N ASP A 7 -0.13 6.12 -3.32
CA ASP A 7 -0.31 6.64 -1.97
C ASP A 7 0.70 6.03 -1.01
N PRO A 8 1.00 6.76 0.08
CA PRO A 8 1.96 6.32 1.09
C PRO A 8 1.42 5.15 1.91
N CYS A 9 2.32 4.45 2.57
CA CYS A 9 1.95 3.30 3.39
C CYS A 9 2.88 3.15 4.60
N PRO A 10 2.84 4.14 5.50
CA PRO A 10 3.68 4.15 6.70
C PRO A 10 3.26 3.07 7.70
N ASN A 11 1.97 2.78 7.75
CA ASN A 11 1.43 1.77 8.66
C ASN A 11 1.32 0.42 7.97
N ASP A 12 2.21 0.16 7.02
CA ASP A 12 2.20 -1.09 6.27
C ASP A 12 2.59 -2.26 7.18
N ARG A 13 1.66 -3.20 7.36
CA ARG A 13 1.91 -4.37 8.19
C ARG A 13 1.41 -5.64 7.52
N PRO A 14 1.93 -6.79 7.96
CA PRO A 14 1.55 -8.09 7.42
C PRO A 14 0.12 -8.48 7.80
N GLY A 15 -0.79 -8.39 6.84
CA GLY A 15 -2.17 -8.74 7.10
C GLY A 15 -3.09 -7.53 7.08
N HIS A 16 -2.50 -6.34 7.01
CA HIS A 16 -3.27 -5.11 6.99
C HIS A 16 -2.45 -3.97 6.37
N ARG A 17 -2.47 -3.88 5.05
CA ARG A 17 -1.72 -2.85 4.34
C ARG A 17 -2.63 -1.65 4.03
N THR A 18 -2.01 -0.52 3.73
CA THR A 18 -2.76 0.70 3.40
C THR A 18 -2.95 0.84 1.90
N CYS A 19 -2.85 -0.27 1.18
CA CYS A 19 -3.02 -0.27 -0.27
C CYS A 19 -4.27 -1.03 -0.68
N CYS A 20 -4.88 -0.61 -1.78
CA CYS A 20 -6.10 -1.24 -2.27
C CYS A 20 -5.77 -2.53 -3.01
N ILE A 21 -6.77 -3.12 -3.66
CA ILE A 21 -6.59 -4.35 -4.41
C ILE A 21 -5.65 -4.15 -5.59
N GLY A 22 -4.85 -5.17 -5.90
CA GLY A 22 -3.92 -5.08 -7.01
C GLY A 22 -2.83 -4.05 -6.76
N LEU A 23 -2.43 -3.90 -5.51
CA LEU A 23 -1.40 -2.94 -5.14
C LEU A 23 -0.38 -3.57 -4.19
N GLN A 24 0.73 -2.88 -3.98
CA GLN A 24 1.78 -3.38 -3.10
C GLN A 24 2.54 -2.21 -2.46
N CYS A 25 2.98 -2.41 -1.22
CA CYS A 25 3.73 -1.39 -0.50
C CYS A 25 5.23 -1.67 -0.54
N ARG A 26 5.96 -0.82 -1.25
CA ARG A 26 7.41 -0.98 -1.37
C ARG A 26 8.10 0.37 -1.50
N TYR A 27 9.32 0.46 -0.98
CA TYR A 27 10.08 1.70 -1.05
C TYR A 27 9.38 2.81 -0.27
N GLY A 28 8.75 2.45 0.84
CA GLY A 28 8.04 3.43 1.66
C GLY A 28 6.87 4.04 0.94
N LYS A 29 6.48 3.45 -0.19
CA LYS A 29 5.36 3.95 -0.98
C LYS A 29 4.57 2.78 -1.59
N CYS A 30 3.39 3.10 -2.11
CA CYS A 30 2.53 2.09 -2.72
C CYS A 30 2.70 2.08 -4.23
N LEU A 31 2.58 0.90 -4.83
CA LEU A 31 2.71 0.75 -6.28
C LEU A 31 1.85 -0.38 -6.80
N VAL A 32 1.81 -0.55 -8.11
CA VAL A 32 1.02 -1.60 -8.73
C VAL A 32 1.66 -2.97 -8.51
N ARG A 33 0.94 -3.83 -7.80
CA ARG A 33 1.44 -5.17 -7.51
C ARG A 33 1.73 -5.94 -8.80
N ASP A 1 -10.53 -0.10 5.05
CA ASP A 1 -10.20 0.99 4.16
C ASP A 1 -8.84 0.77 3.50
N CYS A 2 -8.72 1.17 2.23
CA CYS A 2 -7.47 1.01 1.50
C CYS A 2 -6.99 2.35 0.95
N GLY A 3 -5.72 2.39 0.54
CA GLY A 3 -5.16 3.62 0.00
C GLY A 3 -5.17 3.64 -1.52
N HIS A 4 -4.50 4.63 -2.09
CA HIS A 4 -4.43 4.77 -3.54
C HIS A 4 -3.25 4.00 -4.11
N LEU A 5 -3.03 4.13 -5.42
CA LEU A 5 -1.93 3.44 -6.08
C LEU A 5 -0.59 4.06 -5.70
N HIS A 6 -0.48 5.37 -5.90
CA HIS A 6 0.75 6.09 -5.58
C HIS A 6 0.66 6.72 -4.20
N ASP A 7 -0.19 6.16 -3.35
CA ASP A 7 -0.37 6.66 -1.99
C ASP A 7 0.66 6.05 -1.05
N PRO A 8 0.96 6.76 0.05
CA PRO A 8 1.93 6.31 1.05
C PRO A 8 1.42 5.12 1.84
N CYS A 9 2.33 4.41 2.49
CA CYS A 9 1.98 3.25 3.29
C CYS A 9 2.93 3.09 4.49
N PRO A 10 2.89 4.06 5.41
CA PRO A 10 3.73 4.05 6.60
C PRO A 10 3.33 2.95 7.59
N ASN A 11 2.04 2.65 7.64
CA ASN A 11 1.54 1.62 8.54
C ASN A 11 1.41 0.29 7.82
N ASP A 12 2.30 0.06 6.86
CA ASP A 12 2.29 -1.19 6.09
C ASP A 12 2.71 -2.37 6.98
N ARG A 13 1.80 -3.32 7.14
CA ARG A 13 2.06 -4.50 7.95
C ARG A 13 1.57 -5.76 7.26
N PRO A 14 2.12 -6.92 7.68
CA PRO A 14 1.74 -8.21 7.12
C PRO A 14 0.33 -8.63 7.50
N GLY A 15 -0.60 -8.54 6.55
CA GLY A 15 -1.98 -8.90 6.80
C GLY A 15 -2.90 -7.71 6.82
N HIS A 16 -2.33 -6.52 6.76
CA HIS A 16 -3.12 -5.29 6.77
C HIS A 16 -2.32 -4.12 6.18
N ARG A 17 -2.33 -4.02 4.85
CA ARG A 17 -1.62 -2.96 4.15
C ARG A 17 -2.54 -1.77 3.87
N THR A 18 -1.93 -0.62 3.59
CA THR A 18 -2.69 0.59 3.29
C THR A 18 -2.90 0.77 1.79
N CYS A 19 -2.81 -0.34 1.06
CA CYS A 19 -2.98 -0.32 -0.39
C CYS A 19 -4.24 -1.07 -0.80
N CYS A 20 -4.86 -0.64 -1.89
CA CYS A 20 -6.07 -1.28 -2.39
C CYS A 20 -5.73 -2.56 -3.15
N ILE A 21 -6.73 -3.13 -3.81
CA ILE A 21 -6.54 -4.35 -4.58
C ILE A 21 -5.61 -4.12 -5.77
N GLY A 22 -4.81 -5.13 -6.10
CA GLY A 22 -3.89 -5.01 -7.20
C GLY A 22 -2.81 -3.98 -6.96
N LEU A 23 -2.41 -3.83 -5.70
CA LEU A 23 -1.37 -2.88 -5.33
C LEU A 23 -0.34 -3.51 -4.40
N GLN A 24 0.77 -2.81 -4.18
CA GLN A 24 1.82 -3.30 -3.31
C GLN A 24 2.58 -2.15 -2.66
N CYS A 25 3.04 -2.37 -1.44
CA CYS A 25 3.77 -1.35 -0.70
C CYS A 25 5.27 -1.61 -0.76
N ARG A 26 6.00 -0.75 -1.45
CA ARG A 26 7.44 -0.89 -1.58
C ARG A 26 8.12 0.47 -1.71
N TYR A 27 9.34 0.57 -1.19
CA TYR A 27 10.09 1.83 -1.24
C TYR A 27 9.38 2.92 -0.43
N GLY A 28 8.76 2.52 0.67
CA GLY A 28 8.06 3.47 1.51
C GLY A 28 6.87 4.08 0.81
N LYS A 29 6.48 3.50 -0.32
CA LYS A 29 5.34 4.01 -1.09
C LYS A 29 4.56 2.86 -1.71
N CYS A 30 3.37 3.17 -2.22
CA CYS A 30 2.52 2.16 -2.84
C CYS A 30 2.68 2.18 -4.36
N LEU A 31 2.56 1.01 -4.98
CA LEU A 31 2.68 0.89 -6.42
C LEU A 31 1.83 -0.25 -6.96
N VAL A 32 1.78 -0.38 -8.28
CA VAL A 32 1.00 -1.45 -8.92
C VAL A 32 1.66 -2.80 -8.72
N ARG A 33 0.96 -3.70 -8.02
CA ARG A 33 1.48 -5.03 -7.76
C ARG A 33 1.64 -5.82 -9.06
N ASP A 1 -11.18 0.03 3.74
CA ASP A 1 -10.25 1.10 4.07
C ASP A 1 -8.89 0.87 3.44
N CYS A 2 -8.75 1.28 2.18
CA CYS A 2 -7.50 1.10 1.45
C CYS A 2 -7.01 2.44 0.89
N GLY A 3 -5.75 2.47 0.49
CA GLY A 3 -5.18 3.69 -0.06
C GLY A 3 -5.18 3.70 -1.58
N HIS A 4 -4.50 4.68 -2.17
CA HIS A 4 -4.43 4.80 -3.62
C HIS A 4 -3.25 4.02 -4.17
N LEU A 5 -3.02 4.12 -5.48
CA LEU A 5 -1.92 3.42 -6.13
C LEU A 5 -0.59 4.06 -5.76
N HIS A 6 -0.47 5.37 -5.97
CA HIS A 6 0.76 6.09 -5.66
C HIS A 6 0.66 6.74 -4.28
N ASP A 7 -0.20 6.19 -3.43
CA ASP A 7 -0.38 6.71 -2.08
C ASP A 7 0.65 6.11 -1.13
N PRO A 8 0.94 6.84 -0.04
CA PRO A 8 1.91 6.41 0.98
C PRO A 8 1.39 5.23 1.79
N CYS A 9 2.31 4.51 2.44
CA CYS A 9 1.96 3.36 3.25
C CYS A 9 2.89 3.23 4.44
N PRO A 10 2.85 4.21 5.36
CA PRO A 10 3.69 4.22 6.56
C PRO A 10 3.29 3.14 7.56
N ASN A 11 2.00 2.83 7.60
CA ASN A 11 1.48 1.82 8.52
C ASN A 11 1.37 0.47 7.82
N ASP A 12 2.26 0.23 6.86
CA ASP A 12 2.26 -1.02 6.11
C ASP A 12 2.66 -2.19 7.01
N ARG A 13 1.76 -3.15 7.18
CA ARG A 13 2.03 -4.31 8.02
C ARG A 13 1.53 -5.59 7.35
N PRO A 14 2.08 -6.74 7.78
CA PRO A 14 1.70 -8.05 7.23
C PRO A 14 0.28 -8.45 7.63
N GLY A 15 -0.64 -8.37 6.68
CA GLY A 15 -2.02 -8.74 6.95
C GLY A 15 -2.95 -7.54 6.94
N HIS A 16 -2.37 -6.34 6.86
CA HIS A 16 -3.15 -5.12 6.85
C HIS A 16 -2.35 -3.97 6.24
N ARG A 17 -2.38 -3.88 4.91
CA ARG A 17 -1.66 -2.82 4.20
C ARG A 17 -2.57 -1.65 3.90
N THR A 18 -1.97 -0.50 3.59
CA THR A 18 -2.73 0.70 3.29
C THR A 18 -2.93 0.86 1.78
N CYS A 19 -2.82 -0.25 1.06
CA CYS A 19 -2.99 -0.25 -0.39
C CYS A 19 -4.25 -1.02 -0.80
N CYS A 20 -4.87 -0.59 -1.89
CA CYS A 20 -6.07 -1.24 -2.39
C CYS A 20 -5.72 -2.53 -3.14
N ILE A 21 -6.72 -3.11 -3.79
CA ILE A 21 -6.52 -4.34 -4.55
C ILE A 21 -5.59 -4.12 -5.73
N GLY A 22 -4.79 -5.13 -6.05
CA GLY A 22 -3.86 -5.02 -7.15
C GLY A 22 -2.79 -3.98 -6.91
N LEU A 23 -2.39 -3.83 -5.65
CA LEU A 23 -1.36 -2.87 -5.28
C LEU A 23 -0.33 -3.50 -4.35
N GLN A 24 0.77 -2.79 -4.13
CA GLN A 24 1.83 -3.27 -3.26
C GLN A 24 2.59 -2.12 -2.62
N CYS A 25 3.03 -2.31 -1.39
CA CYS A 25 3.78 -1.28 -0.66
C CYS A 25 5.28 -1.55 -0.72
N ARG A 26 6.00 -0.69 -1.42
CA ARG A 26 7.45 -0.83 -1.55
C ARG A 26 8.11 0.53 -1.69
N TYR A 27 9.34 0.63 -1.18
CA TYR A 27 10.08 1.89 -1.23
C TYR A 27 9.38 2.99 -0.44
N GLY A 28 8.75 2.60 0.66
CA GLY A 28 8.04 3.56 1.48
C GLY A 28 6.86 4.17 0.77
N LYS A 29 6.47 3.58 -0.35
CA LYS A 29 5.34 4.07 -1.13
C LYS A 29 4.55 2.91 -1.74
N CYS A 30 3.36 3.21 -2.25
CA CYS A 30 2.52 2.19 -2.86
C CYS A 30 2.68 2.19 -4.38
N LEU A 31 2.56 1.02 -4.98
CA LEU A 31 2.69 0.88 -6.42
C LEU A 31 1.84 -0.27 -6.94
N VAL A 32 1.80 -0.42 -8.27
CA VAL A 32 1.02 -1.49 -8.89
C VAL A 32 1.68 -2.85 -8.66
N ARG A 33 0.97 -3.73 -7.95
CA ARG A 33 1.48 -5.07 -7.68
C ARG A 33 1.85 -5.79 -8.97
N ASP A 1 -10.75 2.57 4.07
CA ASP A 1 -10.46 1.14 4.02
C ASP A 1 -9.04 0.89 3.52
N CYS A 2 -8.74 1.39 2.33
CA CYS A 2 -7.41 1.22 1.74
C CYS A 2 -6.92 2.52 1.13
N GLY A 3 -5.64 2.55 0.75
CA GLY A 3 -5.07 3.74 0.16
C GLY A 3 -5.12 3.72 -1.35
N HIS A 4 -4.46 4.68 -1.99
CA HIS A 4 -4.43 4.76 -3.44
C HIS A 4 -3.27 3.96 -4.02
N LEU A 5 -3.05 4.09 -5.32
CA LEU A 5 -1.97 3.37 -5.99
C LEU A 5 -0.62 3.97 -5.63
N HIS A 6 -0.47 5.27 -5.88
CA HIS A 6 0.78 5.97 -5.59
C HIS A 6 0.71 6.64 -4.23
N ASP A 7 -0.16 6.14 -3.36
CA ASP A 7 -0.32 6.69 -2.02
C ASP A 7 0.71 6.10 -1.06
N PRO A 8 1.03 6.85 0.00
CA PRO A 8 2.01 6.42 1.01
C PRO A 8 1.49 5.29 1.87
N CYS A 9 2.40 4.52 2.45
CA CYS A 9 2.04 3.39 3.29
C CYS A 9 3.01 3.25 4.46
N PRO A 10 3.01 4.25 5.35
CA PRO A 10 3.88 4.26 6.53
C PRO A 10 3.48 3.21 7.56
N ASN A 11 2.18 2.93 7.64
CA ASN A 11 1.67 1.94 8.58
C ASN A 11 1.52 0.58 7.92
N ASP A 12 2.39 0.30 6.95
CA ASP A 12 2.37 -0.97 6.24
C ASP A 12 2.79 -2.12 7.15
N ARG A 13 1.88 -3.06 7.37
CA ARG A 13 2.16 -4.21 8.22
C ARG A 13 1.71 -5.51 7.56
N PRO A 14 2.27 -6.64 8.01
CA PRO A 14 1.95 -7.95 7.47
C PRO A 14 0.53 -8.40 7.84
N GLY A 15 -0.37 -8.34 6.87
CA GLY A 15 -1.75 -8.73 7.10
C GLY A 15 -2.71 -7.56 7.08
N HIS A 16 -2.16 -6.36 6.99
CA HIS A 16 -2.97 -5.14 6.97
C HIS A 16 -2.19 -3.98 6.35
N ARG A 17 -2.22 -3.90 5.03
CA ARG A 17 -1.51 -2.84 4.31
C ARG A 17 -2.44 -1.66 4.04
N THR A 18 -1.84 -0.51 3.74
CA THR A 18 -2.62 0.69 3.46
C THR A 18 -2.84 0.87 1.96
N CYS A 19 -2.79 -0.25 1.22
CA CYS A 19 -3.00 -0.21 -0.21
C CYS A 19 -4.29 -0.94 -0.60
N CYS A 20 -4.89 -0.52 -1.70
CA CYS A 20 -6.12 -1.13 -2.18
C CYS A 20 -5.84 -2.41 -2.95
N ILE A 21 -6.90 -3.05 -3.43
CA ILE A 21 -6.76 -4.30 -4.18
C ILE A 21 -5.90 -4.09 -5.43
N GLY A 22 -5.02 -5.05 -5.69
CA GLY A 22 -4.15 -4.96 -6.86
C GLY A 22 -3.05 -3.94 -6.67
N LEU A 23 -2.54 -3.84 -5.45
CA LEU A 23 -1.47 -2.89 -5.15
C LEU A 23 -0.43 -3.53 -4.23
N GLN A 24 0.69 -2.83 -4.04
CA GLN A 24 1.76 -3.34 -3.19
C GLN A 24 2.54 -2.18 -2.56
N CYS A 25 2.98 -2.38 -1.32
CA CYS A 25 3.73 -1.35 -0.61
C CYS A 25 5.22 -1.65 -0.66
N ARG A 26 5.97 -0.80 -1.37
CA ARG A 26 7.41 -0.97 -1.49
C ARG A 26 8.11 0.39 -1.61
N TYR A 27 9.32 0.47 -1.09
CA TYR A 27 10.10 1.70 -1.15
C TYR A 27 9.41 2.81 -0.35
N GLY A 28 8.77 2.43 0.75
CA GLY A 28 8.07 3.40 1.58
C GLY A 28 6.90 4.03 0.87
N LYS A 29 6.50 3.46 -0.26
CA LYS A 29 5.38 3.96 -1.04
C LYS A 29 4.58 2.82 -1.66
N CYS A 30 3.38 3.14 -2.14
CA CYS A 30 2.51 2.14 -2.75
C CYS A 30 2.66 2.15 -4.27
N LEU A 31 2.56 0.98 -4.88
CA LEU A 31 2.67 0.86 -6.33
C LEU A 31 1.78 -0.25 -6.86
N VAL A 32 1.76 -0.41 -8.17
CA VAL A 32 0.94 -1.44 -8.81
C VAL A 32 1.57 -2.82 -8.64
N ARG A 33 0.87 -3.70 -7.93
CA ARG A 33 1.37 -5.05 -7.69
C ARG A 33 1.57 -5.79 -9.01
N ASP A 1 -11.08 -0.17 4.37
CA ASP A 1 -10.52 1.06 3.81
C ASP A 1 -9.09 0.83 3.33
N CYS A 2 -8.78 1.33 2.14
CA CYS A 2 -7.45 1.17 1.57
C CYS A 2 -6.95 2.50 0.98
N GLY A 3 -5.66 2.54 0.65
CA GLY A 3 -5.09 3.75 0.09
C GLY A 3 -5.12 3.74 -1.43
N HIS A 4 -4.44 4.71 -2.04
CA HIS A 4 -4.39 4.81 -3.49
C HIS A 4 -3.22 4.00 -4.05
N LEU A 5 -2.98 4.13 -5.35
CA LEU A 5 -1.89 3.42 -6.01
C LEU A 5 -0.54 4.01 -5.64
N HIS A 6 -0.40 5.31 -5.86
CA HIS A 6 0.85 6.02 -5.55
C HIS A 6 0.76 6.68 -4.18
N ASP A 7 -0.11 6.16 -3.33
CA ASP A 7 -0.29 6.71 -1.99
C ASP A 7 0.72 6.10 -1.02
N PRO A 8 1.03 6.85 0.05
CA PRO A 8 1.99 6.42 1.07
C PRO A 8 1.46 5.25 1.91
N CYS A 9 2.36 4.48 2.49
CA CYS A 9 1.99 3.35 3.32
C CYS A 9 2.93 3.20 4.50
N PRO A 10 2.91 4.19 5.41
CA PRO A 10 3.76 4.19 6.61
C PRO A 10 3.34 3.12 7.62
N ASN A 11 2.04 2.84 7.67
CA ASN A 11 1.52 1.85 8.59
C ASN A 11 1.39 0.49 7.91
N ASP A 12 2.28 0.22 6.96
CA ASP A 12 2.27 -1.04 6.23
C ASP A 12 2.67 -2.20 7.14
N ARG A 13 1.76 -3.14 7.33
CA ARG A 13 2.01 -4.30 8.18
C ARG A 13 1.54 -5.58 7.52
N PRO A 14 2.08 -6.72 7.97
CA PRO A 14 1.73 -8.03 7.43
C PRO A 14 0.31 -8.45 7.80
N GLY A 15 -0.60 -8.38 6.83
CA GLY A 15 -1.98 -8.75 7.08
C GLY A 15 -2.91 -7.57 7.05
N HIS A 16 -2.34 -6.37 6.98
CA HIS A 16 -3.14 -5.14 6.94
C HIS A 16 -2.34 -4.00 6.33
N ARG A 17 -2.35 -3.92 5.01
CA ARG A 17 -1.62 -2.87 4.30
C ARG A 17 -2.53 -1.68 4.00
N THR A 18 -1.93 -0.53 3.70
CA THR A 18 -2.69 0.67 3.40
C THR A 18 -2.88 0.84 1.90
N CYS A 19 -2.80 -0.28 1.17
CA CYS A 19 -2.96 -0.25 -0.28
C CYS A 19 -4.23 -1.01 -0.69
N CYS A 20 -4.85 -0.55 -1.77
CA CYS A 20 -6.08 -1.18 -2.27
C CYS A 20 -5.75 -2.46 -3.05
N ILE A 21 -6.78 -3.10 -3.59
CA ILE A 21 -6.61 -4.33 -4.34
C ILE A 21 -5.73 -4.08 -5.57
N GLY A 22 -4.86 -5.04 -5.87
CA GLY A 22 -3.98 -4.92 -7.02
C GLY A 22 -2.87 -3.90 -6.80
N LEU A 23 -2.43 -3.78 -5.55
CA LEU A 23 -1.37 -2.84 -5.21
C LEU A 23 -0.34 -3.48 -4.29
N GLN A 24 0.77 -2.78 -4.07
CA GLN A 24 1.83 -3.29 -3.21
C GLN A 24 2.60 -2.14 -2.56
N CYS A 25 3.03 -2.36 -1.33
CA CYS A 25 3.78 -1.34 -0.58
C CYS A 25 5.28 -1.63 -0.63
N ARG A 26 6.01 -0.76 -1.31
CA ARG A 26 7.45 -0.92 -1.43
C ARG A 26 8.14 0.44 -1.54
N TYR A 27 9.36 0.53 -1.02
CA TYR A 27 10.12 1.77 -1.05
C TYR A 27 9.42 2.86 -0.25
N GLY A 28 8.78 2.47 0.84
CA GLY A 28 8.07 3.43 1.68
C GLY A 28 6.90 4.06 0.96
N LYS A 29 6.52 3.48 -0.17
CA LYS A 29 5.40 3.99 -0.95
C LYS A 29 4.61 2.85 -1.59
N CYS A 30 3.42 3.17 -2.09
CA CYS A 30 2.57 2.17 -2.72
C CYS A 30 2.73 2.20 -4.24
N LEU A 31 2.64 1.03 -4.86
CA LEU A 31 2.79 0.92 -6.32
C LEU A 31 1.90 -0.20 -6.86
N VAL A 32 1.89 -0.33 -8.18
CA VAL A 32 1.10 -1.38 -8.83
C VAL A 32 1.76 -2.74 -8.71
N ARG A 33 1.09 -3.65 -8.01
CA ARG A 33 1.63 -5.00 -7.82
C ARG A 33 1.49 -5.82 -9.10
#